data_9J1P
#
_entry.id   9J1P
#
_cell.length_a   1.00
_cell.length_b   1.00
_cell.length_c   1.00
_cell.angle_alpha   90.00
_cell.angle_beta   90.00
_cell.angle_gamma   90.00
#
_symmetry.space_group_name_H-M   'P 1'
#
loop_
_entity.id
_entity.type
_entity.pdbx_description
1 polymer 'Guanine nucleotide-binding protein G(i) subunit alpha-1,Guanine nucleotide-binding protein G(s) subunit alpha isoforms short,Guanine nucleotide-binding protein G(s) subunit alpha isoforms XLas'
2 polymer 'Guanine nucleotide-binding protein G(I)/G(S)/G(T) subunit beta-1'
3 polymer 'Guanine nucleotide-binding protein G(I)/G(S)/G(O) subunit gamma-2'
4 polymer Nanobody-35
5 polymer g1:Ox
6 polymer 'Glucagon-like peptide 1 receptor'
#
loop_
_entity_poly.entity_id
_entity_poly.type
_entity_poly.pdbx_seq_one_letter_code
_entity_poly.pdbx_strand_id
1 'polypeptide(L)'
;MGCTLSAEDKAAVERSKMIEKQLQKDKQVYRATHRLLLLGADNSGKSTIVKQMRIYHVNGYSEEECKQYKAVVYSNTIQS
IIAIIRAMGRLKIDFGDSARADDARQLFVLAGAAEEGFMTAELAGVIKRLWKDSGVQACFNRSREYQLNDSAAYYLNDLD
RIAQPNYIPTQQDVLRTRVKTSGIFETKFQVDKVNFHMFDVGAQRDERRKWIQCFNDVTAIIFVVDSSDYNRLQEALNDF
KSIWNNRWLRTISVILFLNKQDLLAEKVLAGKSKIEDYFPEFARYTTPEDATPEPGEDPRVTRAKYFIRDEFLRISTASG
DGRHYCYPHFTCSVDTENARRIFNDCRDIIQRMHLRQYELL
;
A
2 'polypeptide(L)'
;MGSLLQSELDQLRQEAEQLKNQIRDARKACADATLSQITNNIDPVGRIQMRTRRTLRGHLAKIYAMHWGTDSRLLVSASQ
DGKLIIWDSYTTNKVHAIPLRSSWVMTCAYAPSGNYVACGGLDNICSIYNLKTREGNVRVSRELAGHTGYLSCCRFLDDN
QIVTSSGDTTCALWDIETGQQTTTFTGHTGDVMSLSLAPDTRLFVSGACDASAKLWDVREGMCRQTFTGHESDINAICFF
PNGNAFATGSDDATCRLFDLRADQELMTYSHDNIICGITSVSFSKSGRLLLAGYDDFNCNVWDALKADRAGVLAGHDNRV
SCLGVTDDGMAVATGSWDSFLKIWN
;
B
3 'polypeptide(L)' ASNNTASIAQARKLVEQLKMEANIDRIKVSKAAADLMAYCEAHAKEDPLLTPVPASENPFREKKFFCAIL G
4 'polypeptide(L)'
;MAQVQLQESGGGLVQPGGSLRLSCAASGFTFSNYKMNWVRQAPGKGLEWVSDISQSGASISYTGSVKGRFTISRDNAKNT
LYLQMNSLKPEDTAVYYCARCPAPFTRDCFDVTSTTYAYRGQGTQVTVSSHHHHHHEPEA
;
N
5 'polypeptide(L)' HAEGTFTSDVSSYLEGQAAKCFIAWLINCPGECVPGSACPDVCTNTCPL P
6 'polypeptide(L)'
;RPQGATVSLWETVQKWREYRRQCQRSLTEDPPPATDLFCNRTFDEYACWPDGEPGSFVNVSCPWYLPWASSVPQGHVYRF
CTAEGLWLQKDNSSLPWRDLSECEESKRGERSSPEEQLLFLYIIYTVGYALSFSALVIASAILLGFRHLHCTRNYIHLNL
FASFILRALSVFIKDAALKWMYSTAAQQHQWDGLLSYQDSLSCRLVFLLMQYCVAANYYWLLVEGVYLYTLLAFSVLSEQ
WIFRLYVSIGWGVPLLFVVPWGIVKYLYEDEGCWTRNSNMNYWLIIRLPILFAIGVNFLIFVRVICIVVSKLKANLMCKT
DIKCRLAKSTLTLIPLLGTHEVIFAFVMDEHARGTLRFIKLFTELSFTSFQGLMVAILYCFVNNEVQLEFRKSWERWRLE
HLHIQRDSSMKPLKCPTSSLSSGATAGSSMYTATCQASCS
;
R
#
# COMPACT_ATOMS: atom_id res chain seq x y z
N SER A 6 40.87 3.74 -3.23
CA SER A 6 39.48 3.54 -2.85
C SER A 6 39.34 2.39 -1.86
N ALA A 7 40.44 2.08 -1.16
CA ALA A 7 40.40 1.02 -0.15
C ALA A 7 39.46 1.39 0.99
N GLU A 8 39.52 2.64 1.44
CA GLU A 8 38.60 3.10 2.49
C GLU A 8 37.16 3.06 2.01
N ASP A 9 36.92 3.42 0.74
CA ASP A 9 35.58 3.33 0.19
C ASP A 9 35.11 1.88 0.12
N LYS A 10 36.01 0.97 -0.26
CA LYS A 10 35.66 -0.45 -0.29
C LYS A 10 35.31 -0.96 1.10
N ALA A 11 36.09 -0.56 2.11
CA ALA A 11 35.79 -0.96 3.48
C ALA A 11 34.44 -0.41 3.94
N ALA A 12 34.16 0.85 3.61
CA ALA A 12 32.86 1.44 3.97
C ALA A 12 31.71 0.70 3.28
N VAL A 13 31.90 0.35 2.00
CA VAL A 13 30.86 -0.37 1.28
C VAL A 13 30.64 -1.76 1.88
N GLU A 14 31.72 -2.43 2.28
CA GLU A 14 31.58 -3.73 2.93
C GLU A 14 30.85 -3.61 4.27
N ARG A 15 31.16 -2.57 5.04
CA ARG A 15 30.45 -2.34 6.29
C ARG A 15 28.97 -2.09 6.04
N SER A 16 28.66 -1.29 5.02
CA SER A 16 27.26 -1.03 4.67
C SER A 16 26.55 -2.31 4.24
N LYS A 17 27.25 -3.17 3.51
CA LYS A 17 26.65 -4.44 3.09
C LYS A 17 26.37 -5.34 4.30
N MET A 18 27.30 -5.40 5.25
CA MET A 18 27.06 -6.18 6.47
C MET A 18 25.86 -5.64 7.23
N ILE A 19 25.79 -4.30 7.36
CA ILE A 19 24.68 -3.69 8.08
C ILE A 19 23.36 -3.95 7.36
N GLU A 20 23.38 -3.92 6.02
CA GLU A 20 22.16 -4.17 5.26
C GLU A 20 21.70 -5.61 5.40
N LYS A 21 22.64 -6.56 5.42
CA LYS A 21 22.25 -7.95 5.64
C LYS A 21 21.66 -8.15 7.03
N GLN A 22 22.26 -7.53 8.04
CA GLN A 22 21.68 -7.60 9.38
C GLN A 22 20.30 -6.95 9.41
N LEU A 23 20.13 -5.86 8.66
CA LEU A 23 18.83 -5.20 8.60
C LEU A 23 17.78 -6.09 7.96
N GLN A 24 18.16 -6.83 6.92
CA GLN A 24 17.22 -7.79 6.31
C GLN A 24 16.86 -8.90 7.29
N LYS A 25 17.85 -9.40 8.04
CA LYS A 25 17.58 -10.43 9.03
C LYS A 25 16.61 -9.92 10.09
N ASP A 26 16.77 -8.67 10.52
CA ASP A 26 15.84 -8.10 11.49
C ASP A 26 14.48 -7.81 10.85
N LYS A 27 14.46 -7.45 9.57
CA LYS A 27 13.22 -7.16 8.87
C LYS A 27 12.32 -8.38 8.80
N GLN A 28 12.92 -9.55 8.54
CA GLN A 28 12.13 -10.77 8.51
C GLN A 28 11.38 -10.98 9.82
N VAL A 29 12.09 -10.86 10.95
CA VAL A 29 11.46 -11.07 12.26
C VAL A 29 10.42 -9.99 12.52
N TYR A 30 10.73 -8.74 12.20
CA TYR A 30 9.79 -7.65 12.44
C TYR A 30 8.50 -7.86 11.66
N ARG A 31 8.60 -8.29 10.40
CA ARG A 31 7.41 -8.52 9.60
C ARG A 31 6.70 -9.80 9.98
N ALA A 32 7.37 -10.72 10.66
CA ALA A 32 6.76 -11.99 11.03
C ALA A 32 5.95 -11.94 12.34
N THR A 33 5.93 -10.80 13.02
CA THR A 33 5.23 -10.69 14.29
C THR A 33 4.17 -9.60 14.21
N HIS A 34 3.16 -9.72 15.07
CA HIS A 34 2.04 -8.79 15.14
C HIS A 34 2.12 -7.99 16.42
N ARG A 35 1.89 -6.68 16.32
CA ARG A 35 1.93 -5.78 17.46
C ARG A 35 0.52 -5.39 17.87
N LEU A 36 0.21 -5.51 19.15
CA LEU A 36 -1.09 -5.15 19.68
C LEU A 36 -0.91 -4.09 20.76
N LEU A 37 -1.92 -3.24 20.90
CA LEU A 37 -1.93 -2.19 21.91
C LEU A 37 -3.07 -2.45 22.88
N LEU A 38 -2.75 -2.46 24.17
CA LEU A 38 -3.73 -2.70 25.23
C LEU A 38 -4.22 -1.38 25.80
N LEU A 39 -5.53 -1.22 25.87
CA LEU A 39 -6.13 -0.01 26.41
C LEU A 39 -7.25 -0.38 27.37
N GLY A 40 -7.52 0.51 28.31
CA GLY A 40 -8.57 0.29 29.28
C GLY A 40 -8.38 1.18 30.49
N ALA A 41 -9.44 1.25 31.29
CA ALA A 41 -9.43 2.05 32.50
C ALA A 41 -8.68 1.31 33.61
N ASP A 42 -8.61 1.94 34.79
CA ASP A 42 -7.93 1.33 35.92
C ASP A 42 -8.65 0.07 36.39
N ASN A 43 -9.97 0.16 36.55
CA ASN A 43 -10.76 -0.99 36.98
C ASN A 43 -11.33 -1.78 35.80
N SER A 44 -10.46 -2.16 34.87
CA SER A 44 -10.87 -2.91 33.69
C SER A 44 -10.38 -4.35 33.70
N GLY A 45 -9.46 -4.71 34.58
CA GLY A 45 -8.93 -6.05 34.61
C GLY A 45 -7.91 -6.36 33.54
N LYS A 46 -7.43 -5.35 32.80
CA LYS A 46 -6.42 -5.60 31.79
C LYS A 46 -5.11 -6.08 32.40
N SER A 47 -4.82 -5.65 33.63
CA SER A 47 -3.63 -6.15 34.33
C SER A 47 -3.74 -7.66 34.57
N THR A 48 -4.91 -8.13 35.00
CA THR A 48 -5.10 -9.55 35.21
C THR A 48 -4.99 -10.32 33.89
N ILE A 49 -5.53 -9.76 32.81
CA ILE A 49 -5.44 -10.41 31.51
C ILE A 49 -3.99 -10.54 31.08
N VAL A 50 -3.23 -9.45 31.19
CA VAL A 50 -1.83 -9.49 30.76
C VAL A 50 -1.04 -10.44 31.66
N LYS A 51 -1.38 -10.51 32.95
CA LYS A 51 -0.69 -11.42 33.85
C LYS A 51 -0.96 -12.87 33.48
N GLN A 52 -2.21 -13.20 33.15
CA GLN A 52 -2.52 -14.59 32.85
C GLN A 52 -1.94 -15.01 31.50
N MET A 53 -1.98 -14.13 30.49
CA MET A 53 -1.35 -14.49 29.23
C MET A 53 0.18 -14.43 29.29
N ARG A 54 0.74 -13.77 30.31
CA ARG A 54 2.19 -13.81 30.47
C ARG A 54 2.68 -15.22 30.79
N ILE A 55 1.97 -15.92 31.67
CA ILE A 55 2.37 -17.28 32.04
C ILE A 55 1.64 -18.34 31.21
N TYR A 56 0.64 -17.96 30.43
CA TYR A 56 0.01 -18.93 29.53
C TYR A 56 1.00 -19.45 28.50
N HIS A 57 1.82 -18.55 27.93
CA HIS A 57 2.79 -18.94 26.92
C HIS A 57 3.99 -19.65 27.55
N VAL A 179 12.06 -2.00 36.31
CA VAL A 179 12.24 -0.56 36.20
C VAL A 179 11.14 0.18 36.95
N LYS A 180 11.49 1.32 37.54
CA LYS A 180 10.54 2.07 38.35
C LYS A 180 9.62 2.91 37.46
N THR A 181 10.19 3.83 36.68
CA THR A 181 9.38 4.74 35.89
C THR A 181 8.64 4.01 34.77
N SER A 182 9.27 2.99 34.17
CA SER A 182 8.66 2.21 33.11
C SER A 182 8.10 3.10 32.00
N GLY A 183 6.79 3.21 31.92
CA GLY A 183 6.15 4.01 30.89
C GLY A 183 5.51 3.16 29.82
N ILE A 184 6.20 2.09 29.42
CA ILE A 184 5.66 1.10 28.50
C ILE A 184 6.01 -0.28 29.04
N PHE A 185 5.25 -1.27 28.59
CA PHE A 185 5.45 -2.65 28.99
C PHE A 185 5.44 -3.53 27.76
N GLU A 186 5.67 -4.83 27.96
CA GLU A 186 5.71 -5.78 26.86
C GLU A 186 5.33 -7.15 27.39
N THR A 187 4.60 -7.91 26.56
CA THR A 187 4.19 -9.26 26.92
C THR A 187 4.16 -10.07 25.63
N LYS A 188 5.26 -10.78 25.36
CA LYS A 188 5.39 -11.57 24.14
C LYS A 188 4.79 -12.94 24.39
N PHE A 189 3.60 -13.19 23.86
CA PHE A 189 2.97 -14.48 23.93
C PHE A 189 2.86 -15.08 22.54
N GLN A 190 3.04 -16.38 22.45
CA GLN A 190 3.07 -17.10 21.18
C GLN A 190 1.89 -18.06 21.10
N VAL A 191 1.12 -17.95 20.03
CA VAL A 191 -0.02 -18.82 19.78
C VAL A 191 0.13 -19.38 18.38
N ASP A 192 0.38 -20.69 18.28
CA ASP A 192 0.57 -21.36 16.99
C ASP A 192 1.70 -20.70 16.18
N LYS A 193 2.76 -20.30 16.89
CA LYS A 193 3.95 -19.71 16.27
C LYS A 193 3.60 -18.47 15.45
N VAL A 194 3.07 -17.45 16.12
CA VAL A 194 2.77 -16.18 15.47
C VAL A 194 3.47 -15.04 16.21
N ASN A 195 3.75 -15.24 17.50
CA ASN A 195 4.57 -14.32 18.29
C ASN A 195 3.96 -12.91 18.32
N PHE A 196 2.78 -12.83 18.93
CA PHE A 196 2.14 -11.53 19.13
C PHE A 196 2.90 -10.70 20.15
N HIS A 197 3.10 -9.42 19.86
CA HIS A 197 3.63 -8.47 20.83
C HIS A 197 2.49 -7.63 21.39
N MET A 198 2.47 -7.48 22.71
CA MET A 198 1.31 -6.92 23.41
C MET A 198 1.80 -5.81 24.33
N PHE A 199 1.54 -4.57 23.96
CA PHE A 199 2.08 -3.40 24.65
C PHE A 199 1.02 -2.76 25.54
N ASP A 200 1.34 -2.59 26.81
CA ASP A 200 0.45 -1.95 27.77
C ASP A 200 1.11 -0.66 28.27
N VAL A 201 0.38 0.44 28.19
CA VAL A 201 0.92 1.74 28.59
C VAL A 201 0.97 1.82 30.11
N GLY A 202 2.11 2.25 30.63
CA GLY A 202 2.30 2.33 32.07
C GLY A 202 2.22 3.73 32.65
N ALA A 203 3.34 4.21 33.19
CA ALA A 203 3.37 5.49 33.89
C ALA A 203 3.42 6.63 32.89
N GLN A 204 2.24 7.03 32.43
CA GLN A 204 2.08 8.17 31.55
C GLN A 204 1.01 9.08 32.12
N ARG A 205 1.02 10.34 31.68
CA ARG A 205 0.05 11.31 32.16
C ARG A 205 -1.36 10.91 31.71
N ASP A 206 -2.35 11.59 32.29
CA ASP A 206 -3.74 11.28 31.96
C ASP A 206 -4.03 11.56 30.50
N GLU A 207 -3.50 12.65 29.96
CA GLU A 207 -3.72 12.99 28.56
C GLU A 207 -3.03 11.97 27.66
N ARG A 208 -3.73 11.53 26.61
CA ARG A 208 -3.22 10.53 25.69
C ARG A 208 -3.41 10.93 24.23
N ARG A 209 -3.64 12.22 23.96
CA ARG A 209 -3.85 12.67 22.60
C ARG A 209 -2.59 12.56 21.76
N LYS A 210 -1.42 12.80 22.35
CA LYS A 210 -0.19 12.95 21.59
C LYS A 210 0.53 11.62 21.36
N TRP A 211 0.73 10.83 22.41
CA TRP A 211 1.54 9.62 22.25
C TRP A 211 0.78 8.49 21.56
N ILE A 212 -0.54 8.64 21.40
CA ILE A 212 -1.31 7.58 20.73
C ILE A 212 -1.01 7.53 19.24
N GLN A 213 -0.35 8.55 18.70
CA GLN A 213 0.00 8.53 17.28
C GLN A 213 1.04 7.47 16.97
N CYS A 214 1.81 7.05 17.97
CA CYS A 214 2.82 6.02 17.74
C CYS A 214 2.20 4.71 17.30
N PHE A 215 1.04 4.36 17.84
CA PHE A 215 0.36 3.12 17.48
C PHE A 215 -0.64 3.33 16.35
N ASN A 216 -0.19 3.96 15.25
CA ASN A 216 -1.07 4.13 14.11
C ASN A 216 -0.93 3.01 13.09
N ASP A 217 0.09 2.17 13.22
CA ASP A 217 0.24 0.96 12.40
C ASP A 217 0.48 -0.25 13.31
N VAL A 218 -0.62 -0.82 13.79
CA VAL A 218 -0.60 -2.03 14.60
C VAL A 218 -1.67 -2.96 14.05
N THR A 219 -1.54 -4.25 14.36
CA THR A 219 -2.49 -5.22 13.87
C THR A 219 -3.90 -4.95 14.41
N ALA A 220 -4.00 -4.65 15.69
CA ALA A 220 -5.29 -4.37 16.31
C ALA A 220 -5.07 -3.63 17.61
N ILE A 221 -6.14 -3.05 18.13
CA ILE A 221 -6.15 -2.39 19.43
C ILE A 221 -7.12 -3.16 20.33
N ILE A 222 -6.62 -3.65 21.44
CA ILE A 222 -7.45 -4.41 22.38
C ILE A 222 -7.99 -3.44 23.42
N PHE A 223 -9.32 -3.34 23.49
CA PHE A 223 -9.99 -2.43 24.41
C PHE A 223 -10.74 -3.27 25.44
N VAL A 224 -10.50 -2.99 26.72
CA VAL A 224 -11.07 -3.76 27.82
C VAL A 224 -12.01 -2.85 28.61
N VAL A 225 -13.23 -3.32 28.82
CA VAL A 225 -14.27 -2.56 29.50
C VAL A 225 -14.79 -3.36 30.68
N ASP A 226 -15.06 -2.67 31.79
CA ASP A 226 -15.67 -3.28 32.96
C ASP A 226 -17.18 -3.18 32.81
N SER A 227 -17.81 -4.27 32.38
CA SER A 227 -19.25 -4.25 32.16
C SER A 227 -20.03 -4.04 33.45
N SER A 228 -19.51 -4.52 34.58
CA SER A 228 -20.24 -4.41 35.84
C SER A 228 -20.36 -2.96 36.29
N ASP A 229 -19.30 -2.17 36.12
CA ASP A 229 -19.30 -0.79 36.60
C ASP A 229 -20.19 0.08 35.72
N TYR A 230 -21.45 0.25 36.13
CA TYR A 230 -22.38 1.05 35.34
C TYR A 230 -22.06 2.53 35.40
N ASN A 231 -21.54 3.01 36.54
CA ASN A 231 -21.30 4.45 36.70
C ASN A 231 -20.27 4.95 35.70
N ARG A 232 -19.19 4.20 35.50
CA ARG A 232 -18.14 4.56 34.56
C ARG A 232 -18.32 3.92 33.20
N LEU A 233 -19.45 3.22 32.98
CA LEU A 233 -19.70 2.60 31.69
C LEU A 233 -19.78 3.65 30.58
N GLN A 234 -20.48 4.76 30.84
CA GLN A 234 -20.58 5.82 29.85
C GLN A 234 -19.21 6.42 29.53
N GLU A 235 -18.36 6.60 30.55
CA GLU A 235 -17.02 7.12 30.30
C GLU A 235 -16.23 6.18 29.40
N ALA A 236 -16.31 4.88 29.65
CA ALA A 236 -15.69 3.93 28.74
C ALA A 236 -16.25 4.06 27.34
N LEU A 237 -17.55 4.35 27.23
CA LEU A 237 -18.15 4.56 25.92
C LEU A 237 -17.52 5.74 25.20
N ASN A 238 -17.32 6.85 25.91
CA ASN A 238 -16.73 8.02 25.24
C ASN A 238 -15.27 7.78 24.87
N ASP A 239 -14.51 7.10 25.73
CA ASP A 239 -13.14 6.77 25.35
C ASP A 239 -13.10 5.85 24.13
N PHE A 240 -13.99 4.87 24.07
CA PHE A 240 -14.03 4.01 22.89
C PHE A 240 -14.42 4.81 21.64
N LYS A 241 -15.35 5.74 21.79
CA LYS A 241 -15.74 6.57 20.65
C LYS A 241 -14.58 7.42 20.16
N SER A 242 -13.84 8.03 21.10
CA SER A 242 -12.69 8.86 20.72
C SER A 242 -11.60 8.02 20.06
N ILE A 243 -11.36 6.81 20.56
CA ILE A 243 -10.38 5.92 19.94
C ILE A 243 -10.83 5.54 18.54
N TRP A 244 -12.12 5.23 18.37
CA TRP A 244 -12.63 4.83 17.06
C TRP A 244 -12.54 5.96 16.05
N ASN A 245 -12.87 7.19 16.46
CA ASN A 245 -12.96 8.32 15.55
C ASN A 245 -11.65 9.07 15.38
N ASN A 246 -10.57 8.62 15.99
CA ASN A 246 -9.30 9.31 15.85
C ASN A 246 -8.80 9.27 14.42
N ARG A 247 -8.16 10.35 13.98
CA ARG A 247 -7.70 10.44 12.60
C ARG A 247 -6.61 9.42 12.30
N TRP A 248 -5.69 9.21 13.25
CA TRP A 248 -4.55 8.34 13.03
C TRP A 248 -4.84 6.88 13.35
N LEU A 249 -6.03 6.57 13.85
CA LEU A 249 -6.44 5.19 14.09
C LEU A 249 -7.66 4.83 13.24
N ARG A 250 -7.77 5.45 12.06
CA ARG A 250 -8.92 5.22 11.19
C ARG A 250 -8.93 3.80 10.65
N THR A 251 -7.77 3.27 10.29
CA THR A 251 -7.67 1.96 9.67
C THR A 251 -7.31 0.85 10.64
N ILE A 252 -7.27 1.14 11.93
CA ILE A 252 -6.86 0.17 12.95
C ILE A 252 -8.11 -0.46 13.55
N SER A 253 -8.24 -1.77 13.40
CA SER A 253 -9.38 -2.48 13.97
C SER A 253 -9.25 -2.58 15.48
N VAL A 254 -10.37 -2.83 16.15
CA VAL A 254 -10.42 -2.88 17.60
C VAL A 254 -11.01 -4.22 18.03
N ILE A 255 -10.33 -4.89 18.96
CA ILE A 255 -10.86 -6.09 19.59
C ILE A 255 -11.42 -5.67 20.95
N LEU A 256 -12.71 -5.93 21.15
CA LEU A 256 -13.41 -5.47 22.34
C LEU A 256 -13.50 -6.61 23.35
N PHE A 257 -13.09 -6.33 24.58
CA PHE A 257 -13.13 -7.29 25.68
C PHE A 257 -14.02 -6.72 26.77
N LEU A 258 -15.26 -7.19 26.86
CA LEU A 258 -16.18 -6.79 27.92
C LEU A 258 -15.89 -7.67 29.14
N ASN A 259 -14.86 -7.27 29.89
CA ASN A 259 -14.33 -8.07 30.97
C ASN A 259 -15.26 -8.01 32.19
N LYS A 260 -14.91 -8.79 33.22
CA LYS A 260 -15.65 -8.84 34.47
C LYS A 260 -17.11 -9.25 34.25
N GLN A 261 -17.29 -10.38 33.55
CA GLN A 261 -18.64 -10.85 33.25
C GLN A 261 -19.30 -11.51 34.45
N ASP A 262 -18.52 -12.15 35.33
CA ASP A 262 -19.13 -12.80 36.49
C ASP A 262 -19.74 -11.78 37.45
N LEU A 263 -19.06 -10.66 37.67
CA LEU A 263 -19.62 -9.61 38.52
C LEU A 263 -20.89 -9.03 37.90
N LEU A 264 -20.87 -8.81 36.58
CA LEU A 264 -22.07 -8.36 35.89
C LEU A 264 -23.20 -9.37 36.05
N ALA A 265 -22.87 -10.66 36.03
CA ALA A 265 -23.88 -11.70 36.20
C ALA A 265 -24.48 -11.65 37.60
N GLU A 266 -23.62 -11.55 38.63
CA GLU A 266 -24.14 -11.60 39.99
C GLU A 266 -24.87 -10.32 40.36
N LYS A 267 -24.56 -9.20 39.70
CA LYS A 267 -25.19 -7.93 40.05
C LYS A 267 -26.68 -7.94 39.74
N VAL A 268 -27.07 -8.44 38.58
CA VAL A 268 -28.48 -8.38 38.19
C VAL A 268 -29.32 -9.35 39.03
N LEU A 269 -28.81 -10.57 39.25
CA LEU A 269 -29.52 -11.50 40.13
C LEU A 269 -29.60 -10.97 41.54
N ALA A 270 -28.53 -10.34 42.03
CA ALA A 270 -28.56 -9.75 43.36
C ALA A 270 -29.54 -8.59 43.46
N GLY A 271 -29.89 -7.97 42.34
CA GLY A 271 -30.82 -6.86 42.36
C GLY A 271 -30.17 -5.59 42.89
N LYS A 272 -31.03 -4.59 43.14
CA LYS A 272 -30.61 -3.29 43.65
C LYS A 272 -29.55 -2.65 42.77
N SER A 273 -29.69 -2.82 41.45
CA SER A 273 -28.77 -2.25 40.48
C SER A 273 -29.42 -1.14 39.67
N LYS A 274 -30.55 -1.43 39.00
CA LYS A 274 -31.32 -0.45 38.25
C LYS A 274 -30.46 0.24 37.19
N ILE A 275 -30.02 -0.56 36.21
CA ILE A 275 -29.19 -0.04 35.14
C ILE A 275 -29.98 0.88 34.21
N GLU A 276 -31.31 0.87 34.31
CA GLU A 276 -32.14 1.66 33.40
C GLU A 276 -32.00 3.16 33.63
N ASP A 277 -31.71 3.58 34.87
CA ASP A 277 -31.57 5.00 35.13
C ASP A 277 -30.39 5.61 34.38
N TYR A 278 -29.25 4.91 34.38
CA TYR A 278 -28.08 5.40 33.67
C TYR A 278 -28.32 5.44 32.17
N PHE A 279 -28.94 4.40 31.61
CA PHE A 279 -29.24 4.33 30.19
C PHE A 279 -30.74 4.14 30.02
N PRO A 280 -31.51 5.19 29.70
CA PRO A 280 -32.97 5.08 29.57
C PRO A 280 -33.41 4.40 28.28
N GLU A 281 -32.82 3.23 27.99
CA GLU A 281 -33.17 2.46 26.81
C GLU A 281 -33.24 0.97 27.06
N PHE A 282 -33.06 0.51 28.30
CA PHE A 282 -33.03 -0.92 28.56
C PHE A 282 -34.39 -1.55 28.35
N ALA A 283 -35.45 -0.96 28.91
CA ALA A 283 -36.78 -1.53 28.76
C ALA A 283 -37.26 -1.46 27.31
N ARG A 284 -36.94 -0.38 26.60
CA ARG A 284 -37.26 -0.34 25.17
C ARG A 284 -36.19 -1.08 24.38
N TYR A 285 -35.90 -2.32 24.76
CA TYR A 285 -34.88 -3.11 24.10
C TYR A 285 -35.17 -4.59 24.34
N THR A 286 -34.92 -5.40 23.31
CA THR A 286 -35.15 -6.84 23.39
C THR A 286 -33.87 -7.58 23.03
N THR A 287 -33.72 -8.78 23.57
CA THR A 287 -32.56 -9.59 23.28
C THR A 287 -32.53 -9.94 21.80
N PRO A 288 -31.44 -9.67 21.09
CA PRO A 288 -31.39 -9.97 19.65
C PRO A 288 -31.47 -11.46 19.40
N GLU A 289 -32.05 -11.82 18.25
CA GLU A 289 -32.12 -13.21 17.86
C GLU A 289 -30.75 -13.81 17.56
N ASP A 290 -29.75 -12.96 17.29
CA ASP A 290 -28.39 -13.44 17.07
C ASP A 290 -27.77 -13.98 18.36
N ALA A 291 -28.34 -13.65 19.52
CA ALA A 291 -27.76 -14.02 20.79
C ALA A 291 -27.62 -15.54 20.92
N THR A 292 -26.48 -15.97 21.44
CA THR A 292 -26.20 -17.39 21.69
C THR A 292 -25.76 -17.54 23.14
N PRO A 293 -26.69 -17.43 24.08
CA PRO A 293 -26.32 -17.49 25.50
C PRO A 293 -25.80 -18.87 25.88
N GLU A 294 -24.89 -18.88 26.87
CA GLU A 294 -24.37 -20.12 27.38
C GLU A 294 -25.48 -20.91 28.07
N PRO A 295 -25.41 -22.25 28.04
CA PRO A 295 -26.45 -23.04 28.69
C PRO A 295 -26.50 -22.79 30.18
N GLY A 296 -27.72 -22.88 30.74
CA GLY A 296 -27.93 -22.67 32.16
C GLY A 296 -27.64 -21.26 32.63
N GLU A 297 -28.13 -20.26 31.88
CA GLU A 297 -27.97 -18.87 32.25
C GLU A 297 -29.30 -18.14 32.13
N ASP A 298 -29.46 -17.12 32.98
CA ASP A 298 -30.72 -16.40 33.06
C ASP A 298 -30.93 -15.53 31.82
N PRO A 299 -32.19 -15.37 31.38
CA PRO A 299 -32.46 -14.44 30.27
C PRO A 299 -32.06 -13.01 30.58
N ARG A 300 -32.17 -12.58 31.84
CA ARG A 300 -31.83 -11.21 32.19
C ARG A 300 -30.34 -10.94 31.98
N VAL A 301 -29.49 -11.89 32.35
CA VAL A 301 -28.05 -11.67 32.23
C VAL A 301 -27.63 -11.55 30.77
N THR A 302 -28.15 -12.41 29.89
CA THR A 302 -27.80 -12.30 28.48
C THR A 302 -28.42 -11.06 27.86
N ARG A 303 -29.61 -10.66 28.34
CA ARG A 303 -30.22 -9.42 27.88
C ARG A 303 -29.31 -8.24 28.18
N ALA A 304 -28.80 -8.14 29.42
CA ALA A 304 -27.91 -7.05 29.78
C ALA A 304 -26.59 -7.12 29.01
N LYS A 305 -26.03 -8.33 28.88
CA LYS A 305 -24.77 -8.50 28.16
C LYS A 305 -24.89 -7.99 26.74
N TYR A 306 -25.93 -8.44 26.02
CA TYR A 306 -26.10 -8.02 24.64
C TYR A 306 -26.52 -6.56 24.54
N PHE A 307 -27.19 -6.03 25.55
CA PHE A 307 -27.48 -4.59 25.55
C PHE A 307 -26.19 -3.77 25.58
N ILE A 308 -25.26 -4.14 26.46
CA ILE A 308 -23.99 -3.42 26.53
C ILE A 308 -23.19 -3.62 25.24
N ARG A 309 -23.17 -4.84 24.73
CA ARG A 309 -22.43 -5.11 23.49
C ARG A 309 -22.99 -4.30 22.33
N ASP A 310 -24.33 -4.21 22.24
CA ASP A 310 -24.94 -3.40 21.18
C ASP A 310 -24.73 -1.92 21.41
N GLU A 311 -24.63 -1.50 22.67
CA GLU A 311 -24.30 -0.10 22.95
C GLU A 311 -22.93 0.26 22.39
N PHE A 312 -21.96 -0.64 22.55
CA PHE A 312 -20.66 -0.41 21.92
C PHE A 312 -20.73 -0.53 20.40
N LEU A 313 -21.46 -1.52 19.90
CA LEU A 313 -21.57 -1.72 18.46
C LEU A 313 -22.27 -0.56 17.77
N ARG A 314 -23.09 0.21 18.48
CA ARG A 314 -23.72 1.38 17.87
C ARG A 314 -22.69 2.39 17.41
N ILE A 315 -21.70 2.68 18.26
CA ILE A 315 -20.61 3.55 17.84
C ILE A 315 -19.70 2.83 16.86
N SER A 316 -19.53 1.52 17.03
CA SER A 316 -18.66 0.77 16.11
C SER A 316 -19.16 0.88 14.68
N THR A 317 -20.44 0.62 14.45
CA THR A 317 -21.05 0.68 13.13
C THR A 317 -21.69 2.03 12.86
N ALA A 318 -20.92 3.10 13.03
CA ALA A 318 -21.37 4.44 12.69
C ALA A 318 -20.36 5.21 11.87
N SER A 319 -19.14 4.71 11.72
CA SER A 319 -18.10 5.35 10.91
C SER A 319 -17.08 4.29 10.53
N GLY A 320 -16.21 4.65 9.60
CA GLY A 320 -15.16 3.76 9.15
C GLY A 320 -15.50 2.95 7.92
N ASP A 321 -16.77 2.92 7.51
CA ASP A 321 -17.20 2.15 6.34
C ASP A 321 -16.75 0.71 6.44
N GLY A 322 -15.80 0.32 5.60
CA GLY A 322 -15.26 -1.02 5.64
C GLY A 322 -13.75 -1.03 5.77
N ARG A 323 -13.20 -0.05 6.49
CA ARG A 323 -11.76 0.04 6.65
C ARG A 323 -11.28 -0.59 7.95
N HIS A 324 -12.07 -0.52 9.02
CA HIS A 324 -11.75 -1.20 10.26
C HIS A 324 -13.04 -1.60 10.95
N TYR A 325 -12.99 -2.71 11.68
CA TYR A 325 -14.17 -3.28 12.31
C TYR A 325 -13.89 -3.49 13.80
N CYS A 326 -14.91 -3.95 14.51
CA CYS A 326 -14.83 -4.21 15.94
C CYS A 326 -15.24 -5.66 16.21
N TYR A 327 -14.43 -6.37 16.99
CA TYR A 327 -14.70 -7.76 17.33
C TYR A 327 -14.98 -7.85 18.82
N PRO A 328 -16.25 -7.90 19.24
CA PRO A 328 -16.56 -8.00 20.67
C PRO A 328 -16.48 -9.44 21.18
N HIS A 329 -16.01 -9.57 22.41
CA HIS A 329 -15.92 -10.85 23.09
C HIS A 329 -16.38 -10.69 24.53
N PHE A 330 -16.82 -11.80 25.13
CA PHE A 330 -17.26 -11.84 26.52
C PHE A 330 -16.25 -12.64 27.31
N THR A 331 -15.30 -11.95 27.95
CA THR A 331 -14.33 -12.57 28.82
C THR A 331 -14.80 -12.43 30.26
N CYS A 332 -14.83 -13.55 30.99
CA CYS A 332 -15.49 -13.54 32.29
C CYS A 332 -14.60 -12.95 33.38
N SER A 333 -13.56 -13.67 33.80
CA SER A 333 -12.53 -13.07 34.62
C SER A 333 -11.13 -13.52 34.22
N VAL A 334 -10.98 -14.81 33.96
CA VAL A 334 -9.67 -15.43 33.83
C VAL A 334 -9.64 -16.38 32.64
N ASP A 335 -10.64 -16.25 31.77
CA ASP A 335 -10.80 -17.17 30.63
C ASP A 335 -9.50 -17.34 29.87
N THR A 336 -8.98 -18.56 29.85
CA THR A 336 -7.69 -18.84 29.24
C THR A 336 -7.72 -18.78 27.71
N GLU A 337 -8.90 -18.69 27.11
CA GLU A 337 -9.03 -18.63 25.66
C GLU A 337 -8.88 -17.22 25.11
N ASN A 338 -8.43 -16.26 25.91
CA ASN A 338 -8.26 -14.90 25.44
C ASN A 338 -7.20 -14.84 24.34
N ALA A 339 -6.12 -15.60 24.50
CA ALA A 339 -5.08 -15.65 23.48
C ALA A 339 -5.61 -16.23 22.18
N ARG A 340 -6.44 -17.28 22.28
CA ARG A 340 -7.05 -17.86 21.08
C ARG A 340 -7.97 -16.85 20.40
N ARG A 341 -8.74 -16.10 21.18
CA ARG A 341 -9.63 -15.09 20.62
C ARG A 341 -8.82 -14.02 19.90
N ILE A 342 -7.74 -13.56 20.51
CA ILE A 342 -6.89 -12.54 19.89
C ILE A 342 -6.28 -13.06 18.61
N PHE A 343 -5.82 -14.32 18.63
CA PHE A 343 -5.24 -14.93 17.43
C PHE A 343 -6.26 -15.01 16.30
N ASN A 344 -7.48 -15.43 16.63
CA ASN A 344 -8.52 -15.53 15.61
C ASN A 344 -8.86 -14.17 15.03
N ASP A 345 -8.97 -13.15 15.89
CA ASP A 345 -9.28 -11.81 15.41
C ASP A 345 -8.18 -11.26 14.54
N CYS A 346 -6.91 -11.47 14.92
CA CYS A 346 -5.81 -11.01 14.10
C CYS A 346 -5.76 -11.74 12.76
N ARG A 347 -6.07 -13.04 12.77
CA ARG A 347 -6.14 -13.79 11.52
C ARG A 347 -7.24 -13.25 10.61
N ASP A 348 -8.38 -12.88 11.18
CA ASP A 348 -9.44 -12.26 10.39
C ASP A 348 -8.99 -10.91 9.83
N ILE A 349 -8.31 -10.11 10.64
CA ILE A 349 -7.89 -8.78 10.22
C ILE A 349 -6.91 -8.87 9.06
N ILE A 350 -5.92 -9.76 9.18
CA ILE A 350 -4.91 -9.90 8.13
C ILE A 350 -5.55 -10.41 6.84
N GLN A 351 -6.48 -11.36 6.96
CA GLN A 351 -7.17 -11.89 5.79
C GLN A 351 -7.98 -10.80 5.10
N ARG A 352 -8.68 -9.98 5.89
CA ARG A 352 -9.45 -8.88 5.30
C ARG A 352 -8.52 -7.88 4.60
N MET A 353 -7.37 -7.59 5.20
CA MET A 353 -6.42 -6.67 4.58
C MET A 353 -5.92 -7.23 3.25
N HIS A 354 -5.57 -8.52 3.23
CA HIS A 354 -5.06 -9.12 2.00
C HIS A 354 -6.14 -9.18 0.92
N LEU A 355 -7.38 -9.47 1.30
CA LEU A 355 -8.47 -9.44 0.35
C LEU A 355 -8.73 -8.04 -0.18
N ARG A 356 -8.61 -7.01 0.66
CA ARG A 356 -8.76 -5.64 0.21
C ARG A 356 -7.66 -5.25 -0.76
N GLN A 357 -6.43 -5.71 -0.55
CA GLN A 357 -5.35 -5.40 -1.47
C GLN A 357 -5.59 -5.98 -2.86
N TYR A 358 -6.29 -7.10 -2.96
CA TYR A 358 -6.61 -7.72 -4.23
C TYR A 358 -7.95 -7.25 -4.79
N GLU A 359 -8.60 -6.29 -4.13
CA GLU A 359 -9.88 -5.72 -4.56
C GLU A 359 -11.01 -6.75 -4.56
N LEU A 360 -10.80 -7.90 -3.91
CA LEU A 360 -11.88 -8.88 -3.82
C LEU A 360 -12.97 -8.43 -2.86
N LEU A 361 -12.58 -7.91 -1.70
CA LEU A 361 -13.54 -7.46 -0.71
C LEU A 361 -13.79 -5.96 -0.82
N GLU B 8 -8.31 34.94 52.47
CA GLU B 8 -8.89 34.68 51.15
C GLU B 8 -7.81 34.71 50.07
N LEU B 9 -8.04 33.95 49.00
CA LEU B 9 -7.10 33.90 47.88
C LEU B 9 -7.69 34.41 46.58
N ASP B 10 -8.97 34.80 46.56
CA ASP B 10 -9.58 35.31 45.33
C ASP B 10 -8.93 36.62 44.90
N GLN B 11 -8.50 37.43 45.87
CA GLN B 11 -7.82 38.68 45.53
C GLN B 11 -6.51 38.40 44.79
N LEU B 12 -5.77 37.38 45.22
CA LEU B 12 -4.58 36.99 44.49
C LEU B 12 -4.91 36.53 43.08
N ARG B 13 -5.99 35.76 42.94
CA ARG B 13 -6.39 35.25 41.63
C ARG B 13 -6.72 36.39 40.67
N GLN B 14 -7.45 37.40 41.16
CA GLN B 14 -7.79 38.52 40.28
C GLN B 14 -6.60 39.43 40.02
N GLU B 15 -5.73 39.66 41.01
CA GLU B 15 -4.58 40.51 40.77
C GLU B 15 -3.59 39.85 39.82
N ALA B 16 -3.59 38.51 39.79
CA ALA B 16 -2.70 37.78 38.87
C ALA B 16 -3.02 38.20 37.44
N GLU B 17 -4.30 38.08 37.06
CA GLU B 17 -4.73 38.46 35.69
C GLU B 17 -4.59 39.98 35.53
N GLN B 18 -4.73 40.72 36.64
CA GLN B 18 -4.54 42.20 36.56
C GLN B 18 -3.08 42.45 36.16
N LEU B 19 -2.14 41.83 36.87
CA LEU B 19 -0.70 42.03 36.58
C LEU B 19 -0.37 41.36 35.24
N LYS B 20 -1.28 40.53 34.73
CA LYS B 20 -1.07 39.92 33.39
C LYS B 20 -1.60 40.89 32.32
N ASN B 21 -2.84 41.37 32.47
CA ASN B 21 -3.39 42.23 31.39
C ASN B 21 -2.47 43.44 31.25
N GLN B 22 -1.91 43.92 32.37
CA GLN B 22 -0.96 45.03 32.30
C GLN B 22 0.23 44.66 31.42
N ILE B 23 0.70 43.41 31.51
CA ILE B 23 1.77 42.94 30.63
C ILE B 23 1.29 42.95 29.19
N ARG B 24 0.05 42.51 28.95
CA ARG B 24 -0.47 42.50 27.59
C ARG B 24 -0.54 43.90 26.99
N ASP B 25 -1.03 44.87 27.76
CA ASP B 25 -1.12 46.22 27.21
C ASP B 25 0.26 46.87 27.08
N ALA B 26 1.20 46.52 27.95
CA ALA B 26 2.58 46.99 27.75
C ALA B 26 3.16 46.43 26.47
N ARG B 27 2.91 45.15 26.18
CA ARG B 27 3.35 44.56 24.93
C ARG B 27 2.71 45.25 23.74
N LYS B 28 1.42 45.55 23.84
CA LYS B 28 0.74 46.26 22.76
C LYS B 28 1.32 47.65 22.55
N ALA B 29 1.62 48.35 23.65
CA ALA B 29 2.23 49.68 23.55
C ALA B 29 3.61 49.60 22.90
N CYS B 30 4.40 48.58 23.24
CA CYS B 30 5.69 48.40 22.61
C CYS B 30 5.59 48.02 21.13
N ALA B 31 4.39 47.68 20.65
CA ALA B 31 4.18 47.31 19.26
C ALA B 31 3.55 48.50 18.53
N ASP B 32 4.23 48.96 17.48
CA ASP B 32 3.74 50.07 16.67
C ASP B 32 3.63 49.76 15.19
N ALA B 33 4.48 48.88 14.66
CA ALA B 33 4.45 48.53 13.25
C ALA B 33 4.63 47.02 13.10
N THR B 34 4.15 46.49 11.98
CA THR B 34 4.25 45.08 11.67
C THR B 34 5.39 44.83 10.70
N LEU B 35 5.89 43.59 10.71
CA LEU B 35 6.98 43.22 9.81
C LEU B 35 6.55 43.28 8.35
N SER B 36 5.26 43.07 8.08
CA SER B 36 4.78 43.07 6.69
C SER B 36 4.96 44.42 6.04
N GLN B 37 4.66 45.50 6.77
CA GLN B 37 4.82 46.85 6.22
C GLN B 37 6.28 47.15 5.93
N ILE B 38 7.17 46.79 6.86
CA ILE B 38 8.59 47.09 6.68
C ILE B 38 9.19 46.26 5.55
N THR B 39 8.72 45.02 5.39
CA THR B 39 9.34 44.09 4.45
C THR B 39 8.88 44.29 3.01
N ASN B 40 7.94 45.18 2.75
CA ASN B 40 7.49 45.38 1.37
C ASN B 40 8.42 46.35 0.64
N ASN B 41 9.73 46.11 0.73
CA ASN B 41 10.71 46.92 0.01
C ASN B 41 11.70 46.04 -0.74
N ILE B 42 12.05 44.90 -0.15
CA ILE B 42 13.11 44.05 -0.67
C ILE B 42 12.57 43.25 -1.84
N ASP B 43 13.48 42.86 -2.74
CA ASP B 43 13.12 41.96 -3.83
C ASP B 43 12.69 40.62 -3.25
N PRO B 44 11.54 40.08 -3.68
CA PRO B 44 11.10 38.79 -3.14
C PRO B 44 12.08 37.68 -3.49
N VAL B 45 12.14 36.66 -2.62
CA VAL B 45 13.00 35.51 -2.86
C VAL B 45 12.58 34.81 -4.14
N GLY B 46 11.28 34.64 -4.35
CA GLY B 46 10.77 34.02 -5.55
C GLY B 46 10.70 32.51 -5.45
N ARG B 47 10.31 31.91 -6.57
CA ARG B 47 10.17 30.45 -6.61
C ARG B 47 11.54 29.79 -6.51
N ILE B 48 11.66 28.88 -5.55
CA ILE B 48 12.89 28.11 -5.35
C ILE B 48 12.54 26.63 -5.49
N GLN B 49 13.28 25.93 -6.35
CA GLN B 49 13.03 24.53 -6.64
C GLN B 49 14.12 23.68 -5.99
N MET B 50 13.70 22.66 -5.25
CA MET B 50 14.60 21.71 -4.61
C MET B 50 14.30 20.31 -5.12
N ARG B 51 15.36 19.55 -5.39
CA ARG B 51 15.24 18.20 -5.91
C ARG B 51 15.87 17.22 -4.94
N THR B 52 15.30 16.01 -4.89
CA THR B 52 15.82 14.99 -3.99
C THR B 52 17.15 14.46 -4.50
N ARG B 53 18.26 15.04 -4.02
CA ARG B 53 19.57 14.61 -4.47
C ARG B 53 19.85 13.16 -4.10
N ARG B 54 19.48 12.76 -2.87
CA ARG B 54 19.71 11.41 -2.40
C ARG B 54 18.54 10.96 -1.54
N THR B 55 18.13 9.71 -1.71
CA THR B 55 17.14 9.08 -0.86
C THR B 55 17.78 7.93 -0.10
N LEU B 56 17.39 7.77 1.16
CA LEU B 56 17.97 6.77 2.04
C LEU B 56 16.88 5.79 2.47
N ARG B 57 17.10 4.51 2.18
CA ARG B 57 16.13 3.47 2.47
C ARG B 57 16.77 2.43 3.40
N GLY B 58 15.93 1.75 4.16
CA GLY B 58 16.40 0.73 5.06
C GLY B 58 15.63 0.66 6.37
N HIS B 59 14.94 1.74 6.72
CA HIS B 59 14.12 1.74 7.92
C HIS B 59 12.86 0.91 7.68
N LEU B 60 12.54 0.05 8.65
CA LEU B 60 11.39 -0.85 8.50
C LEU B 60 10.07 -0.13 8.72
N ALA B 61 10.03 0.82 9.64
CA ALA B 61 8.78 1.48 10.00
C ALA B 61 8.89 2.99 9.86
N LYS B 62 7.89 3.71 10.34
CA LYS B 62 7.85 5.16 10.21
C LYS B 62 9.06 5.79 10.90
N ILE B 63 9.49 6.93 10.36
CA ILE B 63 10.62 7.68 10.90
C ILE B 63 10.05 8.81 11.74
N TYR B 64 10.49 8.89 13.00
CA TYR B 64 9.89 9.82 13.95
C TYR B 64 10.80 10.97 14.35
N ALA B 65 12.10 10.89 14.06
CA ALA B 65 13.02 11.96 14.42
C ALA B 65 14.30 11.80 13.63
N MET B 66 15.12 12.85 13.64
CA MET B 66 16.40 12.85 12.97
C MET B 66 17.23 14.02 13.50
N HIS B 67 18.52 13.98 13.21
CA HIS B 67 19.42 15.07 13.57
C HIS B 67 20.60 15.07 12.62
N TRP B 68 21.17 16.26 12.42
CA TRP B 68 22.34 16.44 11.58
C TRP B 68 23.58 16.50 12.46
N GLY B 69 24.60 15.71 12.11
CA GLY B 69 25.87 15.81 12.79
C GLY B 69 26.54 17.13 12.56
N THR B 70 27.42 17.50 13.48
CA THR B 70 28.09 18.79 13.36
C THR B 70 29.28 18.69 12.41
N ASP B 71 29.08 18.05 11.27
CA ASP B 71 30.08 18.04 10.22
C ASP B 71 29.47 18.14 8.83
N SER B 72 28.14 18.32 8.72
CA SER B 72 27.42 18.43 7.47
C SER B 72 27.48 17.16 6.62
N ARG B 73 27.95 16.05 7.19
CA ARG B 73 28.06 14.80 6.47
C ARG B 73 27.27 13.67 7.12
N LEU B 74 27.39 13.51 8.44
CA LEU B 74 26.79 12.40 9.15
C LEU B 74 25.35 12.72 9.53
N LEU B 75 24.48 11.73 9.41
CA LEU B 75 23.06 11.86 9.70
C LEU B 75 22.62 10.71 10.59
N VAL B 76 21.74 11.02 11.55
CA VAL B 76 21.18 10.03 12.45
C VAL B 76 19.66 10.10 12.36
N SER B 77 19.00 8.95 12.40
CA SER B 77 17.56 8.89 12.27
C SER B 77 17.02 7.72 13.09
N ALA B 78 15.90 7.95 13.77
CA ALA B 78 15.27 6.95 14.62
C ALA B 78 13.90 6.59 14.06
N SER B 79 13.60 5.31 14.00
CA SER B 79 12.33 4.82 13.49
C SER B 79 11.70 3.87 14.51
N GLN B 80 10.38 3.74 14.43
CA GLN B 80 9.61 2.94 15.39
C GLN B 80 9.73 1.43 15.15
N ASP B 81 10.68 0.99 14.33
CA ASP B 81 11.01 -0.43 14.25
C ASP B 81 12.05 -0.83 15.28
N GLY B 82 12.50 0.11 16.11
CA GLY B 82 13.50 -0.17 17.13
C GLY B 82 14.93 -0.04 16.66
N LYS B 83 15.18 0.67 15.55
CA LYS B 83 16.50 0.76 14.97
C LYS B 83 16.93 2.22 14.90
N LEU B 84 18.16 2.49 15.33
CA LEU B 84 18.80 3.78 15.18
C LEU B 84 19.89 3.62 14.13
N ILE B 85 19.79 4.37 13.03
CA ILE B 85 20.68 4.23 11.90
C ILE B 85 21.43 5.54 11.69
N ILE B 86 22.74 5.46 11.51
CA ILE B 86 23.57 6.60 11.21
C ILE B 86 24.03 6.49 9.77
N TRP B 87 23.71 7.49 8.96
CA TRP B 87 24.01 7.48 7.54
C TRP B 87 25.17 8.39 7.21
N ASP B 88 25.75 8.16 6.03
CA ASP B 88 26.69 9.08 5.41
C ASP B 88 25.95 9.71 4.23
N SER B 89 25.47 10.94 4.42
CA SER B 89 24.58 11.56 3.44
C SER B 89 25.24 11.75 2.09
N TYR B 90 26.57 11.78 2.03
CA TYR B 90 27.25 11.96 0.75
C TYR B 90 27.15 10.70 -0.10
N THR B 91 27.37 9.53 0.50
CA THR B 91 27.42 8.27 -0.23
C THR B 91 26.26 7.33 0.10
N THR B 92 25.32 7.75 0.95
CA THR B 92 24.19 6.93 1.36
C THR B 92 24.64 5.57 1.91
N ASN B 93 25.69 5.59 2.72
CA ASN B 93 26.22 4.38 3.34
C ASN B 93 25.83 4.35 4.81
N LYS B 94 25.28 3.22 5.25
CA LYS B 94 24.85 3.07 6.65
C LYS B 94 26.07 2.82 7.52
N VAL B 95 26.49 3.85 8.25
CA VAL B 95 27.66 3.72 9.12
C VAL B 95 27.33 2.83 10.32
N HIS B 96 26.18 3.04 10.96
CA HIS B 96 25.81 2.30 12.14
C HIS B 96 24.34 1.91 12.07
N ALA B 97 24.00 0.80 12.73
CA ALA B 97 22.66 0.25 12.74
C ALA B 97 22.27 -0.15 14.16
N ILE B 98 22.46 0.77 15.10
CA ILE B 98 22.27 0.45 16.53
C ILE B 98 20.84 -0.01 16.78
N PRO B 99 20.63 -1.17 17.38
CA PRO B 99 19.28 -1.59 17.77
C PRO B 99 18.91 -1.09 19.15
N LEU B 100 17.65 -0.75 19.32
CA LEU B 100 17.16 -0.11 20.54
C LEU B 100 16.55 -1.13 21.49
N ARG B 101 16.55 -0.77 22.78
CA ARG B 101 15.91 -1.62 23.78
C ARG B 101 14.40 -1.59 23.64
N SER B 102 13.82 -0.40 23.49
CA SER B 102 12.39 -0.22 23.29
C SER B 102 12.16 0.34 21.89
N SER B 103 11.19 -0.22 21.18
CA SER B 103 10.96 0.15 19.79
C SER B 103 10.16 1.43 19.62
N TRP B 104 9.59 1.98 20.69
CA TRP B 104 8.77 3.19 20.59
C TRP B 104 9.62 4.41 20.88
N VAL B 105 10.52 4.69 19.94
CA VAL B 105 11.39 5.86 20.02
C VAL B 105 10.70 7.05 19.38
N MET B 106 10.69 8.18 20.09
CA MET B 106 10.00 9.38 19.63
C MET B 106 10.94 10.54 19.35
N THR B 107 12.20 10.46 19.74
CA THR B 107 13.13 11.57 19.54
C THR B 107 14.53 11.01 19.31
N CYS B 108 15.38 11.85 18.74
CA CYS B 108 16.76 11.50 18.48
C CYS B 108 17.61 12.76 18.52
N ALA B 109 18.90 12.57 18.78
CA ALA B 109 19.81 13.70 18.89
C ALA B 109 21.22 13.24 18.53
N TYR B 110 22.05 14.22 18.16
CA TYR B 110 23.45 13.99 17.82
C TYR B 110 24.30 14.95 18.65
N ALA B 111 25.30 14.41 19.34
CA ALA B 111 26.17 15.24 20.15
C ALA B 111 26.99 16.18 19.27
N PRO B 112 27.27 17.40 19.73
CA PRO B 112 28.08 18.30 18.92
C PRO B 112 29.56 17.98 19.01
N SER B 113 29.88 16.69 19.02
CA SER B 113 31.25 16.21 18.95
C SER B 113 31.43 15.03 18.01
N GLY B 114 30.36 14.38 17.57
CA GLY B 114 30.45 13.20 16.75
C GLY B 114 30.70 11.92 17.51
N ASN B 115 30.73 11.96 18.84
CA ASN B 115 31.07 10.79 19.65
C ASN B 115 29.86 10.14 20.31
N TYR B 116 28.79 10.88 20.57
CA TYR B 116 27.66 10.37 21.31
C TYR B 116 26.38 10.56 20.51
N VAL B 117 25.43 9.65 20.71
CA VAL B 117 24.12 9.72 20.08
C VAL B 117 23.06 9.40 21.14
N ALA B 118 22.05 10.25 21.25
CA ALA B 118 21.00 10.08 22.24
C ALA B 118 19.68 9.70 21.57
N CYS B 119 18.78 9.13 22.36
CA CYS B 119 17.46 8.75 21.88
C CYS B 119 16.53 8.61 23.08
N GLY B 120 15.25 8.46 22.78
CA GLY B 120 14.26 8.29 23.82
C GLY B 120 12.87 8.24 23.22
N GLY B 121 11.88 8.07 24.09
CA GLY B 121 10.51 8.00 23.63
C GLY B 121 9.51 7.57 24.68
N LEU B 122 8.65 6.61 24.32
CA LEU B 122 7.58 6.18 25.21
C LEU B 122 8.09 5.38 26.42
N ASP B 123 9.36 5.02 26.44
CA ASP B 123 9.93 4.29 27.57
C ASP B 123 10.39 5.20 28.70
N ASN B 124 10.21 6.52 28.55
CA ASN B 124 10.53 7.52 29.57
C ASN B 124 12.01 7.54 29.94
N ILE B 125 12.86 6.91 29.14
CA ILE B 125 14.29 6.78 29.44
C ILE B 125 15.07 7.37 28.27
N CYS B 126 15.99 8.27 28.58
CA CYS B 126 16.89 8.85 27.58
C CYS B 126 18.15 8.01 27.54
N SER B 127 18.35 7.28 26.45
CA SER B 127 19.49 6.39 26.29
C SER B 127 20.58 7.08 25.49
N ILE B 128 21.81 7.05 25.98
CA ILE B 128 22.95 7.68 25.34
C ILE B 128 23.90 6.60 24.88
N TYR B 129 24.22 6.60 23.59
CA TYR B 129 25.06 5.59 22.97
C TYR B 129 26.43 6.20 22.64
N ASN B 130 27.49 5.46 22.98
CA ASN B 130 28.84 5.91 22.71
C ASN B 130 29.28 5.39 21.35
N LEU B 131 29.36 6.28 20.37
CA LEU B 131 29.76 5.88 19.02
C LEU B 131 31.20 5.37 19.01
N LYS B 132 32.09 6.04 19.72
CA LYS B 132 33.51 5.68 19.73
C LYS B 132 33.78 4.79 20.93
N THR B 133 34.35 3.61 20.67
CA THR B 133 34.64 2.65 21.72
C THR B 133 35.99 2.00 21.45
N ARG B 134 36.54 1.38 22.50
CA ARG B 134 37.82 0.70 22.37
C ARG B 134 37.74 -0.45 21.36
N GLU B 135 36.66 -1.23 21.42
CA GLU B 135 36.45 -2.34 20.52
C GLU B 135 35.74 -1.95 19.23
N GLY B 136 35.30 -0.70 19.12
CA GLY B 136 34.61 -0.23 17.93
C GLY B 136 33.14 -0.59 17.84
N ASN B 137 32.57 -1.18 18.87
CA ASN B 137 31.16 -1.57 18.88
C ASN B 137 30.35 -0.55 19.67
N VAL B 138 29.15 -0.25 19.18
CA VAL B 138 28.29 0.72 19.83
C VAL B 138 27.71 0.11 21.10
N ARG B 139 27.80 0.85 22.20
CA ARG B 139 27.34 0.39 23.49
C ARG B 139 26.52 1.48 24.17
N VAL B 140 25.61 1.05 25.05
CA VAL B 140 24.79 1.97 25.83
C VAL B 140 25.62 2.55 26.96
N SER B 141 26.10 3.78 26.77
CA SER B 141 26.97 4.39 27.78
C SER B 141 26.21 4.70 29.06
N ARG B 142 24.99 5.21 28.95
CA ARG B 142 24.24 5.61 30.12
C ARG B 142 22.74 5.60 29.80
N GLU B 143 21.93 5.43 30.83
CA GLU B 143 20.49 5.52 30.75
C GLU B 143 19.98 6.49 31.81
N LEU B 144 19.16 7.45 31.39
CA LEU B 144 18.66 8.47 32.29
C LEU B 144 17.19 8.22 32.59
N ALA B 145 16.85 8.19 33.88
CA ALA B 145 15.48 7.95 34.32
C ALA B 145 15.09 9.01 35.33
N GLY B 146 13.78 9.28 35.39
CA GLY B 146 13.27 10.29 36.31
C GLY B 146 12.11 11.08 35.72
N HIS B 147 11.85 10.90 34.43
CA HIS B 147 10.75 11.57 33.76
C HIS B 147 9.50 10.71 33.90
N THR B 148 8.44 11.30 34.44
CA THR B 148 7.15 10.60 34.57
C THR B 148 6.26 10.86 33.36
N GLY B 149 6.80 10.60 32.19
CA GLY B 149 6.07 10.80 30.95
C GLY B 149 6.96 10.47 29.77
N TYR B 150 6.32 10.34 28.61
CA TYR B 150 7.06 10.00 27.40
C TYR B 150 8.02 11.13 27.01
N LEU B 151 9.19 10.74 26.52
CA LEU B 151 10.20 11.70 26.11
C LEU B 151 9.85 12.22 24.71
N SER B 152 9.69 13.54 24.59
CA SER B 152 9.31 14.12 23.31
C SER B 152 10.50 14.66 22.52
N CYS B 153 11.50 15.22 23.20
CA CYS B 153 12.66 15.76 22.50
C CYS B 153 13.84 15.81 23.47
N CYS B 154 15.04 15.77 22.90
CA CYS B 154 16.27 15.86 23.67
C CYS B 154 17.35 16.47 22.79
N ARG B 155 18.18 17.34 23.38
CA ARG B 155 19.24 18.00 22.66
C ARG B 155 20.52 17.93 23.46
N PHE B 156 21.62 17.60 22.79
CA PHE B 156 22.92 17.45 23.45
C PHE B 156 23.52 18.84 23.66
N LEU B 157 23.40 19.35 24.89
CA LEU B 157 23.99 20.65 25.20
C LEU B 157 25.51 20.60 25.18
N ASP B 158 26.10 19.48 25.56
CA ASP B 158 27.54 19.32 25.59
C ASP B 158 27.84 17.82 25.58
N ASP B 159 29.13 17.48 25.54
CA ASP B 159 29.53 16.08 25.57
C ASP B 159 29.16 15.39 26.89
N ASN B 160 28.92 16.17 27.95
CA ASN B 160 28.54 15.62 29.23
C ASN B 160 27.21 16.15 29.77
N GLN B 161 26.58 17.11 29.08
CA GLN B 161 25.32 17.68 29.52
C GLN B 161 24.29 17.52 28.41
N ILE B 162 23.08 17.13 28.79
CA ILE B 162 21.97 16.94 27.86
C ILE B 162 20.71 17.49 28.50
N VAL B 163 19.88 18.16 27.70
CA VAL B 163 18.61 18.71 28.16
C VAL B 163 17.49 17.97 27.45
N THR B 164 16.51 17.51 28.21
CA THR B 164 15.40 16.72 27.68
C THR B 164 14.08 17.36 28.05
N SER B 165 13.09 17.15 27.18
CA SER B 165 11.72 17.60 27.42
C SER B 165 10.79 16.41 27.24
N SER B 166 9.96 16.16 28.24
CA SER B 166 9.08 15.01 28.26
C SER B 166 7.61 15.46 28.33
N GLY B 167 6.71 14.49 28.32
CA GLY B 167 5.29 14.74 28.34
C GLY B 167 4.69 14.99 29.70
N ASP B 168 5.49 15.02 30.75
CA ASP B 168 5.01 15.30 32.10
C ASP B 168 5.10 16.78 32.46
N THR B 169 5.00 17.66 31.46
CA THR B 169 4.98 19.12 31.66
C THR B 169 6.25 19.62 32.34
N THR B 170 7.38 18.96 32.11
CA THR B 170 8.64 19.39 32.69
C THR B 170 9.77 19.21 31.69
N CYS B 171 10.81 20.01 31.87
CA CYS B 171 12.07 19.85 31.15
C CYS B 171 13.20 19.79 32.16
N ALA B 172 14.25 19.06 31.82
CA ALA B 172 15.31 18.82 32.78
C ALA B 172 16.66 18.85 32.09
N LEU B 173 17.70 19.13 32.88
CA LEU B 173 19.08 19.12 32.44
C LEU B 173 19.80 17.99 33.16
N TRP B 174 20.47 17.12 32.40
CA TRP B 174 21.05 15.90 32.92
C TRP B 174 22.55 15.90 32.74
N ASP B 175 23.25 15.18 33.63
CA ASP B 175 24.67 14.93 33.52
C ASP B 175 24.89 13.46 33.20
N ILE B 176 25.63 13.16 32.14
CA ILE B 176 25.79 11.79 31.68
C ILE B 176 26.52 10.95 32.73
N GLU B 177 27.59 11.50 33.30
CA GLU B 177 28.45 10.74 34.20
C GLU B 177 27.79 10.35 35.52
N THR B 178 26.62 10.92 35.86
CA THR B 178 25.88 10.51 37.04
C THR B 178 24.39 10.29 36.81
N GLY B 179 23.83 10.73 35.68
CA GLY B 179 22.40 10.58 35.45
C GLY B 179 21.54 11.33 36.43
N GLN B 180 21.92 12.55 36.77
CA GLN B 180 21.21 13.36 37.75
C GLN B 180 20.30 14.35 37.05
N GLN B 181 19.56 15.10 37.85
CA GLN B 181 18.57 16.09 37.39
C GLN B 181 18.85 17.43 38.03
N THR B 182 20.11 17.88 37.92
CA THR B 182 20.58 19.06 38.64
C THR B 182 19.69 20.27 38.42
N THR B 183 19.15 20.42 37.21
CA THR B 183 18.23 21.51 36.91
C THR B 183 16.96 20.94 36.30
N THR B 184 15.82 21.34 36.85
CA THR B 184 14.51 20.91 36.36
C THR B 184 13.67 22.15 36.08
N PHE B 185 13.16 22.25 34.86
CA PHE B 185 12.38 23.40 34.43
C PHE B 185 10.90 23.03 34.42
N THR B 186 10.14 23.63 35.32
CA THR B 186 8.70 23.40 35.42
C THR B 186 7.96 24.70 35.14
N GLY B 187 6.64 24.57 34.93
CA GLY B 187 5.82 25.72 34.65
C GLY B 187 4.82 25.48 33.53
N HIS B 188 5.17 24.57 32.62
CA HIS B 188 4.27 24.25 31.53
C HIS B 188 3.03 23.52 32.04
N THR B 189 1.91 23.73 31.36
CA THR B 189 0.64 23.11 31.70
C THR B 189 0.20 22.14 30.62
N GLY B 190 1.15 21.37 30.07
CA GLY B 190 0.84 20.42 29.04
C GLY B 190 2.10 19.71 28.60
N ASP B 191 1.92 18.74 27.70
CA ASP B 191 3.03 17.94 27.21
C ASP B 191 4.01 18.79 26.41
N VAL B 192 5.24 18.95 26.92
CA VAL B 192 6.27 19.69 26.20
C VAL B 192 6.67 18.86 24.98
N MET B 193 6.34 19.35 23.79
CA MET B 193 6.50 18.56 22.57
C MET B 193 7.88 18.70 21.96
N SER B 194 8.48 19.89 22.01
CA SER B 194 9.77 20.10 21.36
C SER B 194 10.51 21.23 22.06
N LEU B 195 11.82 21.29 21.81
CA LEU B 195 12.67 22.33 22.36
C LEU B 195 13.84 22.55 21.43
N SER B 196 14.46 23.73 21.55
CA SER B 196 15.60 24.08 20.72
C SER B 196 16.57 24.94 21.52
N LEU B 197 17.86 24.74 21.26
CA LEU B 197 18.90 25.48 21.95
C LEU B 197 19.38 26.67 21.12
N ALA B 198 19.61 27.79 21.79
CA ALA B 198 20.22 28.93 21.13
C ALA B 198 21.66 28.62 20.77
N PRO B 199 22.21 29.24 19.72
CA PRO B 199 23.58 28.93 19.32
C PRO B 199 24.62 29.56 20.22
N ASP B 200 24.40 29.47 21.54
CA ASP B 200 25.42 29.85 22.51
C ASP B 200 25.42 28.94 23.74
N THR B 201 24.57 27.91 23.77
CA THR B 201 24.44 27.01 24.91
C THR B 201 24.17 27.78 26.20
N ARG B 202 23.34 28.82 26.10
CA ARG B 202 22.99 29.66 27.24
C ARG B 202 21.51 29.60 27.57
N LEU B 203 20.64 29.76 26.58
CA LEU B 203 19.20 29.71 26.79
C LEU B 203 18.57 28.77 25.76
N PHE B 204 17.44 28.18 26.13
CA PHE B 204 16.70 27.33 25.23
C PHE B 204 15.21 27.61 25.38
N VAL B 205 14.46 27.37 24.31
CA VAL B 205 13.02 27.57 24.29
C VAL B 205 12.36 26.21 24.14
N SER B 206 11.11 26.12 24.62
CA SER B 206 10.37 24.86 24.62
C SER B 206 8.90 25.14 24.38
N GLY B 207 8.34 24.52 23.35
CA GLY B 207 6.92 24.62 23.06
C GLY B 207 6.18 23.39 23.56
N ALA B 208 5.07 23.63 24.24
CA ALA B 208 4.30 22.58 24.87
C ALA B 208 2.90 22.51 24.24
N CYS B 209 2.08 21.61 24.77
CA CYS B 209 0.73 21.41 24.26
C CYS B 209 -0.25 22.46 24.74
N ASP B 210 0.15 23.34 25.65
CA ASP B 210 -0.71 24.40 26.16
C ASP B 210 -0.76 25.63 25.25
N ALA B 211 -0.36 25.48 23.98
CA ALA B 211 -0.36 26.58 23.00
C ALA B 211 0.47 27.76 23.49
N SER B 212 1.62 27.47 24.09
CA SER B 212 2.50 28.52 24.59
C SER B 212 3.95 28.03 24.54
N ALA B 213 4.87 28.99 24.50
CA ALA B 213 6.29 28.71 24.51
C ALA B 213 6.95 29.52 25.61
N LYS B 214 8.04 28.98 26.16
CA LYS B 214 8.72 29.63 27.28
C LYS B 214 10.22 29.65 27.00
N LEU B 215 10.90 30.67 27.54
CA LEU B 215 12.35 30.78 27.46
C LEU B 215 12.93 30.42 28.82
N TRP B 216 13.88 29.50 28.83
CA TRP B 216 14.52 29.03 30.05
C TRP B 216 15.99 29.43 30.05
N ASP B 217 16.64 29.18 31.19
CA ASP B 217 18.05 29.50 31.36
C ASP B 217 18.71 28.30 32.05
N VAL B 218 19.64 27.65 31.35
CA VAL B 218 20.28 26.46 31.90
C VAL B 218 21.11 26.82 33.13
N ARG B 219 21.74 27.99 33.13
CA ARG B 219 22.52 28.42 34.28
C ARG B 219 21.63 28.88 35.42
N GLU B 220 20.56 29.62 35.12
CA GLU B 220 19.69 30.16 36.17
C GLU B 220 18.74 29.10 36.69
N GLY B 221 17.86 28.58 35.82
CA GLY B 221 17.00 27.46 36.16
C GLY B 221 15.50 27.73 36.12
N MET B 222 15.04 28.96 35.89
CA MET B 222 13.62 29.24 35.81
C MET B 222 13.31 29.95 34.51
N CYS B 223 12.03 29.97 34.16
CA CYS B 223 11.58 30.59 32.92
C CYS B 223 11.81 32.10 32.96
N ARG B 224 12.25 32.64 31.82
CA ARG B 224 12.54 34.07 31.75
C ARG B 224 11.35 34.86 31.20
N GLN B 225 10.92 34.58 29.97
CA GLN B 225 9.62 35.04 29.48
C GLN B 225 8.86 33.86 28.90
N THR B 226 7.58 34.10 28.63
CA THR B 226 6.72 33.14 27.95
C THR B 226 5.98 33.83 26.82
N PHE B 227 5.67 33.07 25.77
CA PHE B 227 5.01 33.59 24.59
C PHE B 227 3.74 32.81 24.32
N THR B 228 2.67 33.52 24.02
CA THR B 228 1.39 32.94 23.63
C THR B 228 1.03 33.44 22.22
N GLY B 229 -0.13 33.01 21.74
CA GLY B 229 -0.59 33.42 20.43
C GLY B 229 -1.10 32.26 19.60
N HIS B 230 -0.73 31.05 19.98
CA HIS B 230 -1.19 29.86 19.28
C HIS B 230 -2.51 29.37 19.86
N GLU B 231 -3.29 28.68 19.03
CA GLU B 231 -4.59 28.16 19.44
C GLU B 231 -4.62 26.64 19.50
N SER B 232 -3.48 25.99 19.36
CA SER B 232 -3.42 24.53 19.40
C SER B 232 -2.04 24.12 19.90
N ASP B 233 -1.82 22.81 19.95
CA ASP B 233 -0.55 22.29 20.45
C ASP B 233 0.60 22.71 19.55
N ILE B 234 1.71 23.11 20.17
CA ILE B 234 2.92 23.47 19.44
C ILE B 234 3.69 22.19 19.16
N ASN B 235 3.62 21.71 17.91
CA ASN B 235 4.22 20.43 17.57
C ASN B 235 5.74 20.50 17.48
N ALA B 236 6.31 21.65 17.13
CA ALA B 236 7.75 21.78 16.98
C ALA B 236 8.14 23.23 17.15
N ILE B 237 9.45 23.44 17.36
CA ILE B 237 9.99 24.78 17.57
C ILE B 237 11.41 24.81 17.02
N CYS B 238 11.88 26.01 16.69
CA CYS B 238 13.19 26.20 16.11
C CYS B 238 13.82 27.44 16.75
N PHE B 239 14.90 27.93 16.16
CA PHE B 239 15.62 29.08 16.72
C PHE B 239 16.32 29.81 15.59
N PHE B 240 16.15 31.13 15.55
CA PHE B 240 16.80 31.94 14.54
C PHE B 240 18.32 31.92 14.77
N PRO B 241 19.12 31.93 13.70
CA PRO B 241 20.59 31.88 13.89
C PRO B 241 21.14 32.99 14.73
N ASN B 242 20.54 34.19 14.68
CA ASN B 242 21.05 35.30 15.48
C ASN B 242 20.84 35.10 16.97
N GLY B 243 19.92 34.22 17.36
CA GLY B 243 19.64 33.97 18.76
C GLY B 243 18.67 34.95 19.40
N ASN B 244 18.06 35.83 18.63
CA ASN B 244 17.10 36.79 19.17
C ASN B 244 15.67 36.49 18.74
N ALA B 245 15.43 35.41 18.02
CA ALA B 245 14.09 35.09 17.54
C ALA B 245 13.97 33.59 17.39
N PHE B 246 12.72 33.12 17.34
CA PHE B 246 12.45 31.70 17.16
C PHE B 246 11.08 31.53 16.52
N ALA B 247 10.95 30.48 15.72
CA ALA B 247 9.72 30.20 14.98
C ALA B 247 9.06 28.95 15.55
N THR B 248 7.74 29.01 15.71
CA THR B 248 6.96 27.92 16.28
C THR B 248 5.97 27.41 15.26
N GLY B 249 5.86 26.09 15.17
CA GLY B 249 4.85 25.44 14.35
C GLY B 249 3.86 24.71 15.24
N SER B 250 2.57 24.88 14.93
CA SER B 250 1.51 24.34 15.76
C SER B 250 0.54 23.51 14.92
N ASP B 251 -0.37 22.83 15.61
CA ASP B 251 -1.35 21.98 14.96
C ASP B 251 -2.43 22.78 14.24
N ASP B 252 -2.51 24.09 14.46
CA ASP B 252 -3.49 24.94 13.79
C ASP B 252 -3.06 25.36 12.39
N ALA B 253 -2.07 24.69 11.82
CA ALA B 253 -1.58 24.91 10.46
C ALA B 253 -0.93 26.28 10.28
N THR B 254 -0.64 27.00 11.36
CA THR B 254 -0.06 28.33 11.27
C THR B 254 1.28 28.35 12.01
N CYS B 255 2.33 28.77 11.32
CA CYS B 255 3.60 29.05 11.96
C CYS B 255 3.64 30.50 12.42
N ARG B 256 4.47 30.76 13.42
CA ARG B 256 4.57 32.09 14.00
C ARG B 256 6.04 32.40 14.30
N LEU B 257 6.35 33.69 14.33
CA LEU B 257 7.68 34.16 14.69
C LEU B 257 7.58 35.03 15.94
N PHE B 258 8.48 34.78 16.88
CA PHE B 258 8.55 35.54 18.12
C PHE B 258 9.96 36.08 18.29
N ASP B 259 10.09 37.17 19.02
CA ASP B 259 11.38 37.78 19.31
C ASP B 259 11.56 37.85 20.82
N LEU B 260 12.81 37.68 21.26
CA LEU B 260 13.07 37.59 22.69
C LEU B 260 13.05 38.97 23.35
N ARG B 261 13.84 39.91 22.82
CA ARG B 261 13.91 41.24 23.41
C ARG B 261 12.62 42.04 23.19
N ALA B 262 11.94 41.82 22.07
CA ALA B 262 10.66 42.48 21.84
C ALA B 262 9.59 41.98 22.79
N ASP B 263 9.68 40.70 23.18
CA ASP B 263 8.74 40.08 24.13
C ASP B 263 7.30 40.19 23.65
N GLN B 264 7.10 40.03 22.33
CA GLN B 264 5.77 40.11 21.76
C GLN B 264 5.71 39.29 20.48
N GLU B 265 4.51 38.92 20.10
CA GLU B 265 4.30 38.23 18.83
C GLU B 265 4.70 39.14 17.67
N LEU B 266 5.50 38.62 16.75
CA LEU B 266 6.03 39.43 15.66
C LEU B 266 5.13 39.37 14.43
N MET B 267 4.93 38.17 13.89
CA MET B 267 4.09 37.97 12.71
C MET B 267 3.84 36.48 12.55
N THR B 268 2.74 36.15 11.87
CA THR B 268 2.26 34.79 11.76
C THR B 268 2.24 34.33 10.31
N TYR B 269 2.79 33.15 10.05
CA TYR B 269 2.72 32.53 8.73
C TYR B 269 1.50 31.62 8.65
N SER B 270 0.69 31.81 7.62
CA SER B 270 -0.50 30.97 7.44
C SER B 270 -0.94 31.03 5.98
N HIS B 271 -1.79 30.07 5.62
CA HIS B 271 -2.39 30.04 4.30
C HIS B 271 -3.72 29.30 4.39
N ASP B 272 -4.66 29.69 3.52
CA ASP B 272 -5.99 29.09 3.55
C ASP B 272 -6.01 27.71 2.93
N ASN B 273 -5.21 27.45 1.89
CA ASN B 273 -5.24 26.16 1.22
C ASN B 273 -4.77 25.04 2.15
N ILE B 274 -3.70 25.27 2.90
CA ILE B 274 -3.19 24.25 3.80
C ILE B 274 -4.05 24.20 5.05
N ILE B 275 -4.32 23.00 5.54
CA ILE B 275 -5.15 22.84 6.73
C ILE B 275 -4.53 21.91 7.76
N CYS B 276 -3.59 21.05 7.41
CA CYS B 276 -2.96 20.16 8.38
C CYS B 276 -1.97 20.91 9.24
N GLY B 277 -1.78 20.42 10.46
CA GLY B 277 -0.89 21.08 11.40
C GLY B 277 0.57 20.89 11.05
N ILE B 278 1.41 21.63 11.78
CA ILE B 278 2.85 21.55 11.60
C ILE B 278 3.37 20.29 12.26
N THR B 279 4.51 19.81 11.79
CA THR B 279 5.21 18.70 12.44
C THR B 279 6.65 19.04 12.79
N SER B 280 7.33 19.83 11.97
CA SER B 280 8.70 20.24 12.26
C SER B 280 9.00 21.52 11.50
N VAL B 281 9.78 22.40 12.12
CA VAL B 281 10.24 23.64 11.50
C VAL B 281 11.74 23.73 11.65
N SER B 282 12.37 24.48 10.74
CA SER B 282 13.82 24.66 10.76
C SER B 282 14.20 25.84 9.89
N PHE B 283 14.97 26.76 10.45
CA PHE B 283 15.43 27.91 9.69
C PHE B 283 16.62 27.54 8.81
N SER B 284 16.90 28.40 7.84
CA SER B 284 18.05 28.23 6.97
C SER B 284 19.28 28.87 7.59
N LYS B 285 20.41 28.76 6.91
CA LYS B 285 21.66 29.30 7.44
C LYS B 285 21.60 30.83 7.55
N SER B 286 21.03 31.49 6.54
CA SER B 286 20.94 32.94 6.56
C SER B 286 19.73 33.46 7.32
N GLY B 287 18.84 32.57 7.75
CA GLY B 287 17.63 33.01 8.43
C GLY B 287 16.57 33.58 7.52
N ARG B 288 16.71 33.43 6.21
CA ARG B 288 15.72 33.96 5.27
C ARG B 288 14.65 32.94 4.91
N LEU B 289 14.98 31.66 4.93
CA LEU B 289 14.05 30.60 4.56
C LEU B 289 13.63 29.83 5.80
N LEU B 290 12.32 29.62 5.95
CA LEU B 290 11.76 28.85 7.05
C LEU B 290 11.03 27.64 6.48
N LEU B 291 11.58 26.46 6.70
CA LEU B 291 11.02 25.22 6.19
C LEU B 291 10.15 24.58 7.27
N ALA B 292 8.92 24.24 6.91
CA ALA B 292 7.96 23.68 7.85
C ALA B 292 7.37 22.40 7.29
N GLY B 293 7.36 21.34 8.12
CA GLY B 293 6.72 20.11 7.71
C GLY B 293 5.20 20.16 7.84
N TYR B 294 4.55 19.21 7.19
CA TYR B 294 3.09 19.17 7.17
C TYR B 294 2.62 17.73 7.16
N ASP B 295 1.38 17.52 7.59
CA ASP B 295 0.76 16.20 7.55
C ASP B 295 0.19 15.86 6.19
N ASP B 296 0.14 16.82 5.25
CA ASP B 296 -0.33 16.57 3.89
C ASP B 296 0.77 16.04 2.98
N PHE B 297 1.81 15.44 3.55
CA PHE B 297 2.87 14.65 2.89
C PHE B 297 3.91 15.52 2.21
N ASN B 298 3.84 16.85 2.33
CA ASN B 298 4.84 17.72 1.73
C ASN B 298 5.18 18.83 2.70
N CYS B 299 6.40 19.33 2.61
CA CYS B 299 6.86 20.43 3.44
C CYS B 299 7.01 21.69 2.59
N ASN B 300 6.70 22.83 3.19
CA ASN B 300 6.70 24.11 2.51
C ASN B 300 7.79 25.00 3.10
N VAL B 301 8.50 25.71 2.21
CA VAL B 301 9.53 26.66 2.60
C VAL B 301 8.99 28.07 2.36
N TRP B 302 8.97 28.89 3.41
CA TRP B 302 8.47 30.25 3.31
C TRP B 302 9.58 31.23 3.67
N ASP B 303 9.57 32.38 3.02
CA ASP B 303 10.50 33.44 3.35
C ASP B 303 10.20 33.96 4.75
N ALA B 304 11.25 34.16 5.55
CA ALA B 304 11.08 34.52 6.95
C ALA B 304 10.52 35.92 7.15
N LEU B 305 10.46 36.73 6.10
CA LEU B 305 10.04 38.13 6.23
C LEU B 305 8.72 38.43 5.54
N LYS B 306 8.58 38.11 4.26
CA LYS B 306 7.39 38.47 3.51
C LYS B 306 6.26 37.46 3.61
N ALA B 307 6.52 36.29 4.19
CA ALA B 307 5.50 35.25 4.40
C ALA B 307 4.84 34.85 3.08
N ASP B 308 5.67 34.34 2.17
CA ASP B 308 5.21 33.87 0.87
C ASP B 308 5.72 32.46 0.63
N ARG B 309 4.88 31.62 0.04
CA ARG B 309 5.28 30.24 -0.24
C ARG B 309 6.28 30.20 -1.38
N ALA B 310 7.58 30.20 -1.04
CA ALA B 310 8.61 30.18 -2.07
C ALA B 310 8.57 28.89 -2.86
N GLY B 311 8.34 27.77 -2.20
CA GLY B 311 8.28 26.48 -2.89
C GLY B 311 7.81 25.41 -1.94
N VAL B 312 7.67 24.20 -2.50
CA VAL B 312 7.25 23.03 -1.74
C VAL B 312 8.21 21.87 -2.05
N LEU B 313 8.53 21.09 -1.03
CA LEU B 313 9.35 19.89 -1.18
C LEU B 313 8.47 18.65 -1.26
N ALA B 314 7.58 18.64 -2.23
CA ALA B 314 6.58 17.57 -2.36
C ALA B 314 7.24 16.33 -2.96
N GLY B 315 7.68 15.42 -2.10
CA GLY B 315 8.23 14.16 -2.58
C GLY B 315 7.94 12.96 -1.70
N HIS B 316 7.10 13.13 -0.68
CA HIS B 316 6.90 12.11 0.33
C HIS B 316 5.52 11.48 0.19
N ASP B 317 5.44 10.18 0.44
CA ASP B 317 4.20 9.41 0.32
C ASP B 317 3.43 9.32 1.62
N ASN B 318 3.92 9.89 2.71
CA ASN B 318 3.23 9.86 3.98
C ASN B 318 3.59 11.12 4.77
N ARG B 319 3.12 11.20 6.01
CA ARG B 319 3.30 12.39 6.81
C ARG B 319 4.78 12.68 7.05
N VAL B 320 5.17 13.93 6.89
CA VAL B 320 6.53 14.35 7.17
C VAL B 320 6.64 14.66 8.66
N SER B 321 7.55 13.99 9.35
CA SER B 321 7.68 14.11 10.80
C SER B 321 8.93 14.85 11.25
N CYS B 322 10.05 14.66 10.56
CA CYS B 322 11.30 15.30 10.95
C CYS B 322 11.89 16.05 9.77
N LEU B 323 12.51 17.19 10.05
CA LEU B 323 13.06 18.05 9.03
C LEU B 323 14.16 18.90 9.64
N GLY B 324 15.37 18.84 9.07
CA GLY B 324 16.49 19.57 9.63
C GLY B 324 17.45 20.12 8.60
N VAL B 325 17.77 21.39 8.72
CA VAL B 325 18.71 22.07 7.84
C VAL B 325 20.12 21.82 8.34
N THR B 326 21.05 21.58 7.42
CA THR B 326 22.42 21.27 7.79
C THR B 326 23.05 22.45 8.52
N ASP B 327 24.14 22.15 9.25
CA ASP B 327 24.84 23.19 10.01
C ASP B 327 25.42 24.24 9.09
N ASP B 328 26.01 23.82 7.96
CA ASP B 328 26.56 24.76 7.00
C ASP B 328 25.52 25.26 6.01
N GLY B 329 24.28 24.77 6.09
CA GLY B 329 23.23 25.20 5.19
C GLY B 329 23.32 24.63 3.79
N MET B 330 24.16 23.62 3.56
CA MET B 330 24.36 23.11 2.22
C MET B 330 23.17 22.29 1.73
N ALA B 331 22.43 21.68 2.64
CA ALA B 331 21.31 20.83 2.24
C ALA B 331 20.28 20.77 3.35
N VAL B 332 19.08 20.31 2.99
CA VAL B 332 18.02 20.05 3.94
C VAL B 332 17.55 18.61 3.75
N ALA B 333 17.24 17.95 4.87
CA ALA B 333 16.86 16.56 4.85
C ALA B 333 15.55 16.37 5.60
N THR B 334 14.60 15.67 4.99
CA THR B 334 13.29 15.43 5.58
C THR B 334 13.07 13.93 5.71
N GLY B 335 12.59 13.51 6.88
CA GLY B 335 12.21 12.13 7.12
C GLY B 335 10.72 12.06 7.38
N SER B 336 10.06 11.08 6.76
CA SER B 336 8.61 10.97 6.80
C SER B 336 8.21 9.59 7.31
N TRP B 337 6.90 9.43 7.50
CA TRP B 337 6.35 8.19 8.03
C TRP B 337 6.41 7.04 7.05
N ASP B 338 6.78 7.29 5.79
CA ASP B 338 6.93 6.24 4.79
C ASP B 338 8.26 5.51 4.88
N SER B 339 8.98 5.66 6.00
CA SER B 339 10.24 4.97 6.24
C SER B 339 11.33 5.38 5.25
N PHE B 340 11.29 6.63 4.79
CA PHE B 340 12.25 7.13 3.82
C PHE B 340 12.81 8.47 4.28
N LEU B 341 14.10 8.68 4.01
CA LEU B 341 14.76 9.96 4.22
C LEU B 341 15.22 10.49 2.88
N LYS B 342 15.07 11.80 2.68
CA LYS B 342 15.45 12.44 1.43
C LYS B 342 16.33 13.64 1.73
N ILE B 343 17.30 13.90 0.87
CA ILE B 343 18.19 15.04 1.00
C ILE B 343 17.88 15.99 -0.15
N TRP B 344 17.33 17.15 0.19
CA TRP B 344 16.95 18.15 -0.78
C TRP B 344 17.99 19.26 -0.83
N ASN B 345 18.27 19.74 -2.04
CA ASN B 345 19.26 20.80 -2.22
C ASN B 345 18.69 21.91 -3.10
N ALA C 11 -0.17 28.99 44.63
CA ALA C 11 -0.64 30.17 45.36
C ALA C 11 0.46 31.23 45.44
N ARG C 12 1.70 30.79 45.60
CA ARG C 12 2.85 31.68 45.70
C ARG C 12 3.82 31.56 44.55
N LYS C 13 4.01 30.35 44.01
CA LYS C 13 4.97 30.16 42.92
C LYS C 13 4.56 30.92 41.66
N LEU C 14 3.28 30.80 41.28
CA LEU C 14 2.82 31.50 40.08
C LEU C 14 2.85 33.00 40.28
N VAL C 15 2.53 33.48 41.48
CA VAL C 15 2.56 34.91 41.75
C VAL C 15 3.98 35.44 41.62
N GLU C 16 4.95 34.74 42.20
CA GLU C 16 6.35 35.17 42.09
C GLU C 16 6.84 35.12 40.64
N GLN C 17 6.48 34.07 39.91
CA GLN C 17 6.90 33.97 38.52
C GLN C 17 6.32 35.11 37.68
N LEU C 18 5.03 35.42 37.87
CA LEU C 18 4.43 36.53 37.15
C LEU C 18 4.97 37.89 37.59
N LYS C 19 5.36 38.02 38.87
CA LYS C 19 6.03 39.23 39.32
C LYS C 19 7.36 39.41 38.59
N MET C 20 8.12 38.32 38.44
CA MET C 20 9.36 38.38 37.67
C MET C 20 9.07 38.75 36.22
N GLU C 21 8.03 38.15 35.64
CA GLU C 21 7.67 38.46 34.25
C GLU C 21 7.27 39.91 34.08
N ALA C 22 6.66 40.52 35.10
CA ALA C 22 6.20 41.90 34.97
C ALA C 22 7.36 42.86 34.75
N ASN C 23 8.45 42.67 35.48
CA ASN C 23 9.63 43.52 35.34
C ASN C 23 10.40 43.09 34.09
N ILE C 24 10.20 43.79 32.99
CA ILE C 24 10.80 43.45 31.71
C ILE C 24 11.36 44.72 31.08
N ASP C 25 12.33 44.54 30.19
CA ASP C 25 12.96 45.65 29.50
C ASP C 25 12.74 45.54 27.99
N ARG C 26 11.50 45.27 27.59
CA ARG C 26 11.18 45.08 26.19
C ARG C 26 11.44 46.37 25.39
N ILE C 27 11.85 46.19 24.14
CA ILE C 27 12.20 47.31 23.27
C ILE C 27 11.18 47.44 22.16
N LYS C 28 11.30 48.49 21.35
CA LYS C 28 10.38 48.69 20.24
C LYS C 28 10.49 47.55 19.23
N VAL C 29 9.35 47.16 18.67
CA VAL C 29 9.32 46.07 17.70
C VAL C 29 10.07 46.46 16.43
N SER C 30 10.01 47.74 16.05
CA SER C 30 10.66 48.19 14.82
C SER C 30 12.16 47.98 14.88
N LYS C 31 12.79 48.25 16.02
CA LYS C 31 14.22 48.06 16.16
C LYS C 31 14.62 46.59 15.97
N ALA C 32 13.89 45.69 16.62
CA ALA C 32 14.17 44.27 16.49
C ALA C 32 13.94 43.79 15.06
N ALA C 33 12.86 44.28 14.44
CA ALA C 33 12.60 43.92 13.04
C ALA C 33 13.73 44.38 12.14
N ALA C 34 14.22 45.62 12.33
CA ALA C 34 15.32 46.13 11.53
C ALA C 34 16.59 45.32 11.75
N ASP C 35 16.84 44.90 12.99
CA ASP C 35 17.98 44.02 13.25
C ASP C 35 17.84 42.71 12.49
N LEU C 36 16.62 42.15 12.46
CA LEU C 36 16.38 40.92 11.71
C LEU C 36 16.67 41.12 10.23
N MET C 37 16.15 42.20 9.64
CA MET C 37 16.41 42.47 8.23
C MET C 37 17.89 42.64 7.97
N ALA C 38 18.60 43.33 8.86
CA ALA C 38 20.04 43.50 8.70
C ALA C 38 20.74 42.15 8.72
N TYR C 39 20.34 41.26 9.62
CA TYR C 39 20.97 39.94 9.68
C TYR C 39 20.75 39.16 8.39
N CYS C 40 19.49 39.12 7.92
CA CYS C 40 19.24 38.37 6.68
C CYS C 40 19.97 38.98 5.49
N GLU C 41 19.98 40.31 5.39
CA GLU C 41 20.67 40.96 4.28
C GLU C 41 22.17 40.68 4.32
N ALA C 42 22.76 40.71 5.52
CA ALA C 42 24.19 40.45 5.64
C ALA C 42 24.54 39.00 5.31
N HIS C 43 23.72 38.06 5.77
CA HIS C 43 24.07 36.65 5.66
C HIS C 43 23.49 35.95 4.44
N ALA C 44 22.69 36.64 3.62
CA ALA C 44 22.11 36.00 2.44
C ALA C 44 23.14 35.69 1.36
N LYS C 45 24.37 36.20 1.47
CA LYS C 45 25.35 35.97 0.42
C LYS C 45 25.84 34.52 0.41
N GLU C 46 26.01 33.93 1.59
CA GLU C 46 26.58 32.59 1.71
C GLU C 46 25.54 31.56 2.16
N ASP C 47 24.32 31.68 1.65
CA ASP C 47 23.27 30.72 1.97
C ASP C 47 23.06 29.80 0.78
N PRO C 48 23.51 28.54 0.85
CA PRO C 48 23.36 27.66 -0.32
C PRO C 48 21.92 27.44 -0.76
N LEU C 49 20.98 27.40 0.19
CA LEU C 49 19.58 27.20 -0.18
C LEU C 49 19.01 28.42 -0.88
N LEU C 50 19.34 29.62 -0.41
CA LEU C 50 18.84 30.83 -1.03
C LEU C 50 19.45 31.03 -2.41
N THR C 51 20.77 30.91 -2.52
CA THR C 51 21.47 31.04 -3.79
C THR C 51 22.04 29.69 -4.18
N PRO C 52 21.45 29.00 -5.18
CA PRO C 52 21.96 27.68 -5.57
C PRO C 52 23.45 27.66 -5.86
N VAL C 53 24.18 26.91 -5.04
CA VAL C 53 25.63 26.77 -5.23
C VAL C 53 25.90 25.94 -6.47
N PRO C 54 26.86 26.31 -7.32
CA PRO C 54 27.14 25.51 -8.52
C PRO C 54 27.62 24.11 -8.17
N ALA C 55 27.32 23.17 -9.07
CA ALA C 55 27.56 21.75 -8.82
C ALA C 55 29.04 21.41 -8.69
N SER C 56 29.94 22.31 -9.08
CA SER C 56 31.38 22.00 -9.00
C SER C 56 31.80 21.74 -7.56
N GLU C 57 31.34 22.56 -6.62
CA GLU C 57 31.68 22.41 -5.21
C GLU C 57 30.52 21.89 -4.38
N ASN C 58 29.40 21.54 -5.00
CA ASN C 58 28.26 20.99 -4.28
C ASN C 58 28.53 19.53 -3.95
N PRO C 59 28.57 19.15 -2.66
CA PRO C 59 28.81 17.74 -2.33
C PRO C 59 27.78 16.79 -2.88
N PHE C 60 26.52 17.21 -2.97
CA PHE C 60 25.44 16.37 -3.48
C PHE C 60 25.28 16.64 -4.97
N ARG C 61 25.93 15.81 -5.78
CA ARG C 61 25.88 15.96 -7.23
C ARG C 61 24.49 15.65 -7.77
N GLN D 3 -4.51 34.45 23.27
CA GLN D 3 -4.43 33.42 24.30
C GLN D 3 -5.76 32.71 24.47
N VAL D 4 -5.72 31.40 24.66
CA VAL D 4 -6.92 30.60 24.83
C VAL D 4 -7.52 30.93 26.19
N GLN D 5 -8.64 31.65 26.19
CA GLN D 5 -9.33 32.03 27.43
C GLN D 5 -10.78 31.62 27.33
N LEU D 6 -11.27 30.93 28.36
CA LEU D 6 -12.66 30.50 28.43
C LEU D 6 -13.24 30.97 29.77
N GLN D 7 -14.41 31.59 29.71
CA GLN D 7 -15.09 32.09 30.90
C GLN D 7 -16.53 31.60 30.90
N GLU D 8 -17.05 31.32 32.09
CA GLU D 8 -18.40 30.81 32.27
C GLU D 8 -19.19 31.74 33.18
N SER D 9 -20.46 31.93 32.84
CA SER D 9 -21.36 32.79 33.60
C SER D 9 -22.63 32.03 33.93
N GLY D 10 -23.20 32.31 35.11
CA GLY D 10 -24.41 31.65 35.54
C GLY D 10 -24.23 30.88 36.83
N GLY D 11 -24.82 29.69 36.90
CA GLY D 11 -24.67 28.86 38.08
C GLY D 11 -25.43 29.41 39.28
N GLY D 12 -24.95 29.02 40.46
CA GLY D 12 -25.56 29.44 41.71
C GLY D 12 -26.30 28.32 42.42
N LEU D 13 -27.29 28.69 43.23
CA LEU D 13 -28.11 27.71 43.95
C LEU D 13 -29.57 27.97 43.66
N VAL D 14 -30.28 26.94 43.19
CA VAL D 14 -31.69 27.04 42.85
C VAL D 14 -32.42 25.83 43.42
N GLN D 15 -33.74 25.98 43.55
CA GLN D 15 -34.57 24.90 44.05
C GLN D 15 -34.62 23.77 43.03
N PRO D 16 -34.81 22.52 43.48
CA PRO D 16 -34.89 21.40 42.54
C PRO D 16 -36.03 21.57 41.56
N GLY D 17 -35.80 21.12 40.33
CA GLY D 17 -36.77 21.24 39.27
C GLY D 17 -36.78 22.57 38.55
N GLY D 18 -35.87 23.48 38.90
CA GLY D 18 -35.81 24.78 38.27
C GLY D 18 -35.03 24.77 36.98
N SER D 19 -34.79 25.98 36.46
CA SER D 19 -34.07 26.17 35.22
C SER D 19 -32.86 27.07 35.45
N LEU D 20 -31.78 26.78 34.72
CA LEU D 20 -30.56 27.56 34.81
C LEU D 20 -30.02 27.80 33.41
N ARG D 21 -29.30 28.90 33.25
CA ARG D 21 -28.68 29.27 31.98
C ARG D 21 -27.19 29.48 32.19
N LEU D 22 -26.38 28.85 31.34
CA LEU D 22 -24.93 28.96 31.39
C LEU D 22 -24.44 29.54 30.07
N SER D 23 -23.65 30.61 30.16
CA SER D 23 -23.07 31.27 28.99
C SER D 23 -21.56 31.16 29.08
N CYS D 24 -20.95 30.66 28.00
CA CYS D 24 -19.49 30.49 27.93
C CYS D 24 -18.94 31.45 26.89
N ALA D 25 -17.95 32.24 27.28
CA ALA D 25 -17.29 33.20 26.40
C ALA D 25 -15.90 32.70 26.08
N ALA D 26 -15.57 32.60 24.80
CA ALA D 26 -14.29 32.08 24.34
C ALA D 26 -13.58 33.13 23.51
N SER D 27 -12.29 33.32 23.77
CA SER D 27 -11.47 34.28 23.04
C SER D 27 -10.09 33.69 22.80
N GLY D 28 -9.42 34.21 21.78
CA GLY D 28 -8.08 33.78 21.44
C GLY D 28 -7.99 32.75 20.33
N PHE D 29 -9.11 32.34 19.75
CA PHE D 29 -9.11 31.37 18.67
C PHE D 29 -10.38 31.53 17.86
N THR D 30 -10.37 30.93 16.67
CA THR D 30 -11.54 30.94 15.79
C THR D 30 -12.58 29.97 16.35
N PHE D 31 -13.61 30.52 16.99
CA PHE D 31 -14.63 29.70 17.62
C PHE D 31 -15.45 28.90 16.62
N SER D 32 -15.48 29.31 15.35
CA SER D 32 -16.27 28.64 14.34
C SER D 32 -15.57 27.45 13.71
N ASN D 33 -14.33 27.15 14.12
CA ASN D 33 -13.55 26.05 13.57
C ASN D 33 -13.05 25.15 14.69
N TYR D 34 -13.96 24.81 15.61
CA TYR D 34 -13.60 23.98 16.75
C TYR D 34 -14.84 23.23 17.23
N LYS D 35 -14.59 22.19 18.02
CA LYS D 35 -15.64 21.40 18.65
C LYS D 35 -15.61 21.66 20.15
N MET D 36 -16.71 22.20 20.68
CA MET D 36 -16.82 22.53 22.09
C MET D 36 -17.61 21.46 22.82
N ASN D 37 -17.17 21.13 24.04
CA ASN D 37 -17.80 20.12 24.86
C ASN D 37 -18.10 20.70 26.24
N TRP D 38 -19.09 20.12 26.91
CA TRP D 38 -19.43 20.46 28.29
C TRP D 38 -18.99 19.32 29.18
N VAL D 39 -18.18 19.62 30.20
CA VAL D 39 -17.69 18.63 31.15
C VAL D 39 -18.05 19.11 32.54
N ARG D 40 -18.68 18.25 33.33
CA ARG D 40 -19.06 18.55 34.70
C ARG D 40 -18.33 17.64 35.67
N GLN D 41 -18.10 18.14 36.88
CA GLN D 41 -17.44 17.38 37.93
C GLN D 41 -18.23 17.55 39.22
N ALA D 42 -18.82 16.45 39.68
CA ALA D 42 -19.55 16.49 40.94
C ALA D 42 -18.59 16.58 42.12
N PRO D 43 -19.00 17.20 43.22
CA PRO D 43 -18.14 17.25 44.40
C PRO D 43 -17.81 15.86 44.90
N GLY D 44 -16.55 15.66 45.28
CA GLY D 44 -16.10 14.35 45.70
C GLY D 44 -16.07 13.31 44.61
N LYS D 45 -16.02 13.74 43.34
CA LYS D 45 -16.04 12.82 42.22
C LYS D 45 -15.21 13.41 41.08
N GLY D 46 -14.81 12.53 40.15
CA GLY D 46 -14.01 12.96 39.02
C GLY D 46 -14.84 13.66 37.96
N LEU D 47 -14.13 14.21 36.97
CA LEU D 47 -14.78 14.91 35.87
C LEU D 47 -15.58 13.94 35.02
N GLU D 48 -16.78 14.38 34.61
CA GLU D 48 -17.67 13.55 33.81
C GLU D 48 -18.09 14.32 32.56
N TRP D 49 -17.98 13.68 31.40
CA TRP D 49 -18.42 14.30 30.16
C TRP D 49 -19.94 14.41 30.14
N VAL D 50 -20.44 15.55 29.64
CA VAL D 50 -21.87 15.84 29.62
C VAL D 50 -22.42 15.87 28.20
N SER D 51 -21.91 16.78 27.36
CA SER D 51 -22.42 16.94 26.01
C SER D 51 -21.33 17.47 25.11
N ASP D 52 -21.53 17.29 23.80
CA ASP D 52 -20.60 17.77 22.79
C ASP D 52 -21.39 18.37 21.63
N ILE D 53 -20.82 19.38 21.00
CA ILE D 53 -21.43 20.06 19.86
C ILE D 53 -20.42 20.08 18.72
N SER D 54 -20.83 19.62 17.54
CA SER D 54 -19.96 19.62 16.39
C SER D 54 -19.74 21.06 15.89
N GLN D 55 -18.71 21.23 15.06
CA GLN D 55 -18.37 22.55 14.56
C GLN D 55 -19.46 23.11 13.65
N SER D 56 -20.23 22.24 12.99
CA SER D 56 -21.32 22.67 12.12
C SER D 56 -22.64 22.81 12.86
N GLY D 57 -22.69 22.44 14.15
CA GLY D 57 -23.91 22.55 14.92
C GLY D 57 -24.94 21.47 14.66
N ALA D 58 -24.58 20.42 13.91
CA ALA D 58 -25.52 19.36 13.58
C ALA D 58 -25.34 18.14 14.48
N SER D 59 -24.13 17.59 14.53
CA SER D 59 -23.85 16.40 15.32
C SER D 59 -23.81 16.80 16.80
N ILE D 60 -24.91 16.55 17.51
CA ILE D 60 -25.05 16.90 18.91
C ILE D 60 -25.40 15.64 19.69
N SER D 61 -24.68 15.41 20.79
CA SER D 61 -24.91 14.25 21.63
C SER D 61 -24.91 14.68 23.09
N TYR D 62 -25.62 13.91 23.92
CA TYR D 62 -25.69 14.15 25.36
C TYR D 62 -25.52 12.84 26.10
N THR D 63 -25.20 12.94 27.39
CA THR D 63 -25.13 11.79 28.25
C THR D 63 -26.53 11.29 28.59
N GLY D 64 -26.64 9.98 28.83
CA GLY D 64 -27.93 9.39 29.16
C GLY D 64 -28.54 9.93 30.44
N SER D 65 -27.73 10.45 31.36
CA SER D 65 -28.26 11.01 32.59
C SER D 65 -29.11 12.25 32.31
N VAL D 66 -28.68 13.09 31.36
CA VAL D 66 -29.41 14.29 31.00
C VAL D 66 -29.91 14.23 29.55
N LYS D 67 -30.08 13.03 29.03
CA LYS D 67 -30.55 12.88 27.65
C LYS D 67 -31.99 13.34 27.53
N GLY D 68 -32.26 14.18 26.53
CA GLY D 68 -33.60 14.67 26.30
C GLY D 68 -34.04 15.80 27.20
N ARG D 69 -33.16 16.27 28.08
CA ARG D 69 -33.49 17.35 29.01
C ARG D 69 -32.57 18.54 28.88
N PHE D 70 -31.27 18.33 28.71
CA PHE D 70 -30.34 19.41 28.48
C PHE D 70 -30.29 19.77 26.99
N THR D 71 -30.22 21.07 26.71
CA THR D 71 -30.11 21.56 25.35
C THR D 71 -28.96 22.56 25.26
N ILE D 72 -28.43 22.72 24.05
CA ILE D 72 -27.26 23.54 23.81
C ILE D 72 -27.54 24.52 22.68
N SER D 73 -26.72 25.57 22.63
CA SER D 73 -26.77 26.54 21.55
C SER D 73 -25.38 27.10 21.33
N ARG D 74 -25.04 27.33 20.06
CA ARG D 74 -23.75 27.89 19.69
C ARG D 74 -23.96 29.13 18.83
N ASP D 75 -23.10 30.12 19.03
CA ASP D 75 -23.14 31.39 18.30
C ASP D 75 -21.75 31.63 17.74
N ASN D 76 -21.49 31.12 16.54
CA ASN D 76 -20.17 31.28 15.92
C ASN D 76 -19.88 32.73 15.57
N ALA D 77 -20.91 33.49 15.18
CA ALA D 77 -20.71 34.91 14.88
C ALA D 77 -20.25 35.68 16.11
N LYS D 78 -20.85 35.40 17.27
CA LYS D 78 -20.48 36.07 18.51
C LYS D 78 -19.43 35.30 19.30
N ASN D 79 -19.02 34.11 18.82
CA ASN D 79 -18.01 33.29 19.50
C ASN D 79 -18.41 33.01 20.95
N THR D 80 -19.68 32.65 21.15
CA THR D 80 -20.20 32.36 22.47
C THR D 80 -21.04 31.09 22.41
N LEU D 81 -21.19 30.46 23.57
CA LEU D 81 -21.96 29.24 23.70
C LEU D 81 -22.96 29.41 24.84
N TYR D 82 -24.17 28.91 24.63
CA TYR D 82 -25.24 29.01 25.62
C TYR D 82 -25.77 27.62 25.92
N LEU D 83 -25.79 27.25 27.19
CA LEU D 83 -26.32 25.96 27.64
C LEU D 83 -27.56 26.20 28.49
N GLN D 84 -28.69 25.65 28.06
CA GLN D 84 -29.95 25.78 28.76
C GLN D 84 -30.31 24.44 29.41
N MET D 85 -30.63 24.47 30.70
CA MET D 85 -30.97 23.28 31.46
C MET D 85 -32.31 23.48 32.14
N ASN D 86 -33.05 22.39 32.30
CA ASN D 86 -34.39 22.43 32.90
C ASN D 86 -34.58 21.21 33.78
N SER D 87 -35.51 21.33 34.74
CA SER D 87 -35.87 20.25 35.65
C SER D 87 -34.64 19.76 36.43
N LEU D 88 -34.09 20.65 37.24
CA LEU D 88 -32.90 20.32 38.01
C LEU D 88 -33.16 19.17 38.97
N LYS D 89 -32.20 18.25 39.03
CA LYS D 89 -32.26 17.09 39.90
C LYS D 89 -31.29 17.25 41.07
N PRO D 90 -31.56 16.62 42.21
CA PRO D 90 -30.65 16.76 43.36
C PRO D 90 -29.25 16.25 43.09
N GLU D 91 -29.08 15.32 42.15
CA GLU D 91 -27.77 14.77 41.82
C GLU D 91 -27.09 15.50 40.68
N ASP D 92 -27.68 16.59 40.18
CA ASP D 92 -27.11 17.36 39.08
C ASP D 92 -26.22 18.50 39.54
N THR D 93 -26.00 18.65 40.84
CA THR D 93 -25.17 19.74 41.36
C THR D 93 -23.70 19.41 41.10
N ALA D 94 -23.07 20.20 40.24
CA ALA D 94 -21.67 19.99 39.87
C ALA D 94 -21.11 21.28 39.29
N VAL D 95 -19.79 21.30 39.12
CA VAL D 95 -19.10 22.41 38.50
C VAL D 95 -18.94 22.12 37.02
N TYR D 96 -19.43 23.03 36.17
CA TYR D 96 -19.48 22.84 34.73
C TYR D 96 -18.41 23.68 34.04
N TYR D 97 -17.64 23.04 33.16
CA TYR D 97 -16.62 23.71 32.36
C TYR D 97 -16.93 23.51 30.89
N CYS D 98 -16.79 24.59 30.11
CA CYS D 98 -17.00 24.54 28.66
C CYS D 98 -15.65 24.26 28.00
N ALA D 99 -15.26 22.99 28.00
CA ALA D 99 -13.99 22.59 27.43
C ALA D 99 -14.04 22.65 25.90
N ARG D 100 -12.85 22.69 25.29
CA ARG D 100 -12.72 22.76 23.85
C ARG D 100 -11.82 21.63 23.37
N CYS D 101 -12.21 21.01 22.26
CA CYS D 101 -11.39 19.96 21.68
C CYS D 101 -10.10 20.57 21.10
N PRO D 102 -8.96 19.88 21.26
CA PRO D 102 -7.67 20.49 20.87
C PRO D 102 -7.52 20.69 19.37
N ALA D 103 -7.74 19.64 18.60
CA ALA D 103 -7.48 19.71 17.16
C ALA D 103 -8.65 20.40 16.44
N PRO D 104 -8.39 21.45 15.68
CA PRO D 104 -9.46 22.06 14.88
C PRO D 104 -9.74 21.26 13.61
N PHE D 105 -10.93 21.50 13.06
CA PHE D 105 -11.36 20.88 11.80
C PHE D 105 -11.30 19.36 11.87
N THR D 106 -11.83 18.80 12.96
CA THR D 106 -11.92 17.36 13.11
C THR D 106 -13.09 17.04 14.02
N ARG D 107 -13.55 15.79 13.94
CA ARG D 107 -14.68 15.33 14.73
C ARG D 107 -14.25 14.84 16.12
N ASP D 108 -13.28 13.92 16.15
CA ASP D 108 -12.81 13.39 17.41
C ASP D 108 -11.96 14.41 18.15
N CYS D 109 -11.86 14.23 19.47
CA CYS D 109 -10.96 15.02 20.28
C CYS D 109 -10.68 14.27 21.58
N PHE D 110 -9.41 14.06 21.86
CA PHE D 110 -8.97 13.29 23.02
C PHE D 110 -8.81 14.18 24.25
N ASP D 111 -8.81 13.54 25.42
CA ASP D 111 -8.40 14.17 26.67
C ASP D 111 -9.25 15.38 27.04
N VAL D 112 -10.54 15.34 26.67
CA VAL D 112 -11.44 16.43 27.05
C VAL D 112 -11.69 16.42 28.55
N THR D 113 -11.79 15.23 29.15
CA THR D 113 -12.08 15.07 30.57
C THR D 113 -10.83 14.91 31.41
N SER D 114 -9.73 15.52 30.99
CA SER D 114 -8.47 15.39 31.73
C SER D 114 -8.53 16.17 33.04
N THR D 115 -7.78 15.70 34.03
CA THR D 115 -7.68 16.40 35.30
C THR D 115 -6.97 17.74 35.14
N THR D 116 -5.93 17.78 34.30
CA THR D 116 -5.18 19.00 34.08
C THR D 116 -5.23 19.42 32.62
N TYR D 117 -6.42 19.38 32.02
CA TYR D 117 -6.58 19.80 30.64
C TYR D 117 -6.26 21.29 30.50
N ALA D 118 -5.50 21.63 29.46
CA ALA D 118 -5.06 23.01 29.28
C ALA D 118 -6.20 23.91 28.82
N TYR D 119 -7.03 23.42 27.89
CA TYR D 119 -8.06 24.25 27.26
C TYR D 119 -9.38 24.15 28.01
N ARG D 120 -9.33 24.40 29.32
CA ARG D 120 -10.51 24.31 30.17
C ARG D 120 -10.63 25.58 31.00
N GLY D 121 -11.86 26.06 31.19
CA GLY D 121 -12.10 27.25 31.98
C GLY D 121 -12.09 26.95 33.47
N GLN D 122 -12.20 28.02 34.26
CA GLN D 122 -12.22 27.88 35.70
C GLN D 122 -13.46 27.12 36.16
N GLY D 123 -14.61 27.40 35.56
CA GLY D 123 -15.83 26.72 35.90
C GLY D 123 -16.69 27.51 36.86
N THR D 124 -18.00 27.28 36.78
CA THR D 124 -18.97 27.93 37.64
C THR D 124 -19.75 26.88 38.42
N GLN D 125 -19.79 27.04 39.74
CA GLN D 125 -20.49 26.09 40.59
C GLN D 125 -22.00 26.20 40.37
N VAL D 126 -22.66 25.04 40.28
CA VAL D 126 -24.10 25.00 40.08
C VAL D 126 -24.78 24.37 41.30
N HIS E 1 -3.00 -27.66 -24.43
CA HIS E 1 -3.63 -26.35 -24.59
C HIS E 1 -4.32 -26.25 -25.94
N ALA E 2 -4.94 -25.09 -26.20
CA ALA E 2 -5.65 -24.88 -27.45
C ALA E 2 -4.76 -24.32 -28.54
N GLU E 3 -3.68 -23.62 -28.19
CA GLU E 3 -2.78 -23.09 -29.20
C GLU E 3 -2.13 -24.22 -29.99
N GLY E 4 -1.67 -25.25 -29.28
CA GLY E 4 -1.06 -26.39 -29.97
C GLY E 4 -2.04 -27.14 -30.84
N THR E 5 -3.26 -27.35 -30.34
CA THR E 5 -4.27 -28.03 -31.13
C THR E 5 -4.62 -27.26 -32.40
N PHE E 6 -4.81 -25.94 -32.26
CA PHE E 6 -5.12 -25.12 -33.43
C PHE E 6 -3.97 -25.13 -34.43
N THR E 7 -2.73 -25.04 -33.94
CA THR E 7 -1.58 -25.08 -34.83
C THR E 7 -1.51 -26.43 -35.55
N SER E 8 -1.76 -27.52 -34.84
CA SER E 8 -1.73 -28.84 -35.46
C SER E 8 -2.81 -28.97 -36.54
N ASP E 9 -4.02 -28.50 -36.24
CA ASP E 9 -5.10 -28.57 -37.23
C ASP E 9 -4.76 -27.75 -38.47
N VAL E 10 -4.28 -26.53 -38.26
CA VAL E 10 -3.93 -25.66 -39.39
C VAL E 10 -2.82 -26.28 -40.21
N SER E 11 -1.78 -26.80 -39.55
CA SER E 11 -0.66 -27.39 -40.28
C SER E 11 -1.08 -28.63 -41.05
N SER E 12 -1.94 -29.47 -40.46
CA SER E 12 -2.41 -30.65 -41.16
C SER E 12 -3.22 -30.27 -42.40
N TYR E 13 -4.11 -29.28 -42.26
CA TYR E 13 -4.89 -28.83 -43.42
C TYR E 13 -3.97 -28.27 -44.49
N LEU E 14 -2.98 -27.47 -44.10
CA LEU E 14 -2.08 -26.86 -45.07
C LEU E 14 -1.23 -27.92 -45.77
N GLU E 15 -0.78 -28.94 -45.04
CA GLU E 15 -0.01 -30.01 -45.68
C GLU E 15 -0.86 -30.78 -46.67
N GLY E 16 -2.11 -31.08 -46.31
CA GLY E 16 -3.00 -31.74 -47.25
C GLY E 16 -3.23 -30.91 -48.50
N GLN E 17 -3.43 -29.61 -48.32
CA GLN E 17 -3.65 -28.73 -49.46
C GLN E 17 -2.39 -28.64 -50.34
N ALA E 18 -1.22 -28.65 -49.71
CA ALA E 18 0.03 -28.62 -50.47
C ALA E 18 0.21 -29.88 -51.30
N ALA E 19 -0.12 -31.04 -50.73
CA ALA E 19 -0.06 -32.28 -51.50
C ALA E 19 -1.06 -32.25 -52.65
N LYS E 20 -2.27 -31.74 -52.40
CA LYS E 20 -3.26 -31.64 -53.46
C LYS E 20 -2.79 -30.73 -54.58
N CYS E 21 -2.15 -29.60 -54.24
CA CYS E 21 -1.60 -28.73 -55.27
C CYS E 21 -0.42 -29.35 -55.99
N PHE E 22 0.39 -30.16 -55.33
CA PHE E 22 1.45 -30.86 -56.05
C PHE E 22 0.84 -31.79 -57.09
N ILE E 23 -0.21 -32.52 -56.72
CA ILE E 23 -0.88 -33.39 -57.68
C ILE E 23 -1.49 -32.57 -58.81
N ALA E 24 -2.09 -31.43 -58.48
CA ALA E 24 -2.70 -30.59 -59.50
C ALA E 24 -1.67 -30.06 -60.48
N TRP E 25 -0.52 -29.61 -59.98
CA TRP E 25 0.55 -29.15 -60.85
C TRP E 25 1.07 -30.28 -61.71
N LEU E 26 1.11 -31.50 -61.15
CA LEU E 26 1.48 -32.67 -61.94
C LEU E 26 0.51 -32.89 -63.09
N ILE E 27 -0.79 -32.74 -62.81
CA ILE E 27 -1.81 -32.87 -63.85
C ILE E 27 -1.70 -31.76 -64.88
N ASN E 28 -1.17 -30.59 -64.47
CA ASN E 28 -1.15 -29.38 -65.29
C ASN E 28 -2.57 -28.96 -65.65
N CYS E 29 -3.31 -28.59 -64.60
CA CYS E 29 -4.72 -28.23 -64.74
C CYS E 29 -5.01 -27.17 -65.80
N PRO E 30 -4.24 -26.09 -65.95
CA PRO E 30 -4.60 -25.08 -66.97
C PRO E 30 -4.75 -25.65 -68.37
N GLY E 31 -3.95 -26.64 -68.74
CA GLY E 31 -4.07 -27.24 -70.05
C GLY E 31 -4.83 -28.55 -70.08
N GLU E 32 -5.24 -29.04 -68.92
CA GLU E 32 -5.85 -30.36 -68.86
C GLU E 32 -7.33 -30.33 -69.24
N CYS E 33 -8.13 -29.63 -68.44
CA CYS E 33 -9.59 -29.62 -68.65
C CYS E 33 -10.01 -28.30 -69.30
N VAL E 34 -9.67 -28.18 -70.57
CA VAL E 34 -10.06 -27.00 -71.34
C VAL E 34 -11.53 -27.09 -71.73
N PRO E 35 -12.01 -28.14 -72.49
CA PRO E 35 -13.41 -28.20 -72.89
C PRO E 35 -14.30 -28.92 -71.89
N GLY E 36 -14.14 -28.59 -70.61
CA GLY E 36 -14.91 -29.22 -69.55
C GLY E 36 -14.78 -30.73 -69.53
N SER E 37 -13.63 -31.25 -69.96
CA SER E 37 -13.42 -32.69 -70.11
C SER E 37 -12.86 -33.24 -68.81
N ALA E 38 -13.76 -33.74 -67.96
CA ALA E 38 -13.39 -34.37 -66.68
C ALA E 38 -12.49 -33.46 -65.86
N CYS E 39 -13.04 -32.31 -65.47
CA CYS E 39 -12.28 -31.34 -64.69
C CYS E 39 -11.95 -31.90 -63.32
N PRO E 40 -10.67 -32.01 -62.95
CA PRO E 40 -10.32 -32.49 -61.62
C PRO E 40 -10.72 -31.52 -60.53
N ASP E 41 -11.04 -32.07 -59.36
CA ASP E 41 -11.35 -31.25 -58.20
C ASP E 41 -10.10 -30.57 -57.65
N VAL E 42 -8.92 -31.11 -57.92
CA VAL E 42 -7.67 -30.51 -57.44
C VAL E 42 -7.33 -29.21 -58.15
N CYS E 43 -8.03 -28.90 -59.26
CA CYS E 43 -7.79 -27.66 -59.97
C CYS E 43 -8.52 -26.47 -59.37
N THR E 44 -9.48 -26.71 -58.46
CA THR E 44 -10.24 -25.63 -57.86
C THR E 44 -9.42 -24.85 -56.84
N ASN E 45 -8.42 -25.47 -56.24
CA ASN E 45 -7.61 -24.80 -55.23
C ASN E 45 -6.70 -23.75 -55.85
N THR E 46 -6.22 -22.84 -55.02
CA THR E 46 -5.39 -21.73 -55.47
C THR E 46 -3.97 -21.92 -54.97
N CYS E 47 -3.03 -21.96 -55.92
CA CYS E 47 -1.62 -22.21 -55.66
C CYS E 47 -0.83 -22.02 -56.96
N PRO E 48 0.53 -21.91 -56.90
CA PRO E 48 1.30 -21.45 -58.07
C PRO E 48 0.91 -22.05 -59.41
N LEU E 49 0.49 -21.18 -60.33
CA LEU E 49 0.08 -21.50 -61.69
C LEU E 49 -0.59 -22.87 -61.85
N THR F 6 -3.14 -37.66 -43.56
CA THR F 6 -2.07 -36.80 -43.06
C THR F 6 -0.75 -37.13 -43.75
N VAL F 7 -0.81 -37.43 -45.04
CA VAL F 7 0.40 -37.73 -45.81
C VAL F 7 1.05 -36.41 -46.21
N SER F 8 2.33 -36.25 -45.83
CA SER F 8 3.02 -35.00 -46.08
C SER F 8 3.37 -34.87 -47.57
N LEU F 9 3.67 -33.63 -47.96
CA LEU F 9 4.06 -33.37 -49.33
C LEU F 9 5.37 -34.06 -49.68
N TRP F 10 6.31 -34.11 -48.74
CA TRP F 10 7.60 -34.73 -48.99
C TRP F 10 7.45 -36.23 -49.27
N GLU F 11 6.59 -36.90 -48.51
CA GLU F 11 6.37 -38.34 -48.73
C GLU F 11 5.78 -38.60 -50.11
N THR F 12 4.79 -37.79 -50.52
CA THR F 12 4.21 -37.93 -51.85
C THR F 12 5.23 -37.66 -52.93
N VAL F 13 6.09 -36.65 -52.71
CA VAL F 13 7.13 -36.34 -53.69
C VAL F 13 8.10 -37.51 -53.83
N GLN F 14 8.49 -38.12 -52.71
CA GLN F 14 9.39 -39.27 -52.78
C GLN F 14 8.74 -40.46 -53.50
N LYS F 15 7.47 -40.72 -53.20
CA LYS F 15 6.77 -41.80 -53.91
C LYS F 15 6.67 -41.52 -55.39
N TRP F 16 6.40 -40.26 -55.77
CA TRP F 16 6.35 -39.92 -57.19
C TRP F 16 7.71 -40.04 -57.84
N ARG F 17 8.78 -39.72 -57.11
CA ARG F 17 10.13 -39.90 -57.66
C ARG F 17 10.41 -41.37 -57.93
N GLU F 18 10.03 -42.25 -57.00
CA GLU F 18 10.17 -43.67 -57.22
C GLU F 18 9.34 -44.14 -58.41
N TYR F 19 8.12 -43.62 -58.53
CA TYR F 19 7.27 -43.95 -59.67
C TYR F 19 7.90 -43.50 -60.98
N ARG F 20 8.51 -42.32 -60.99
CA ARG F 20 9.17 -41.83 -62.19
C ARG F 20 10.37 -42.69 -62.55
N ARG F 21 11.13 -43.13 -61.54
CA ARG F 21 12.25 -44.03 -61.82
C ARG F 21 11.77 -45.34 -62.43
N GLN F 22 10.70 -45.90 -61.87
CA GLN F 22 10.12 -47.13 -62.44
C GLN F 22 9.61 -46.89 -63.86
N CYS F 23 9.03 -45.72 -64.11
CA CYS F 23 8.54 -45.39 -65.44
C CYS F 23 9.68 -45.29 -66.44
N GLN F 24 10.80 -44.68 -66.03
CA GLN F 24 11.96 -44.61 -66.91
C GLN F 24 12.51 -46.00 -67.20
N ARG F 25 12.53 -46.87 -66.19
CA ARG F 25 12.99 -48.24 -66.41
C ARG F 25 12.07 -48.98 -67.38
N SER F 26 10.75 -48.77 -67.24
CA SER F 26 9.81 -49.42 -68.14
C SER F 26 9.86 -48.85 -69.55
N LEU F 27 10.23 -47.58 -69.70
CA LEU F 27 10.27 -46.97 -71.02
C LEU F 27 11.31 -47.62 -71.92
N THR F 28 12.33 -48.24 -71.34
CA THR F 28 13.40 -48.88 -72.09
C THR F 28 13.37 -50.39 -72.02
N GLU F 29 13.08 -50.98 -70.86
CA GLU F 29 13.21 -52.43 -70.74
C GLU F 29 12.08 -53.17 -71.45
N ASP F 30 10.93 -52.53 -71.62
CA ASP F 30 9.78 -53.22 -72.20
C ASP F 30 10.02 -53.53 -73.68
N PRO F 31 9.48 -54.64 -74.17
CA PRO F 31 9.60 -54.94 -75.60
C PRO F 31 8.81 -53.95 -76.42
N PRO F 32 9.28 -53.61 -77.63
CA PRO F 32 8.56 -52.66 -78.47
C PRO F 32 7.47 -53.36 -79.27
N PRO F 33 6.21 -53.02 -79.01
CA PRO F 33 5.10 -53.61 -79.79
C PRO F 33 4.65 -52.76 -80.96
N ALA F 34 5.32 -51.64 -81.24
CA ALA F 34 4.93 -50.74 -82.33
C ALA F 34 5.52 -51.29 -83.62
N THR F 35 4.71 -52.06 -84.35
CA THR F 35 5.18 -52.64 -85.61
C THR F 35 5.47 -51.57 -86.65
N ASP F 36 4.50 -50.67 -86.89
CA ASP F 36 4.68 -49.60 -87.86
C ASP F 36 3.69 -48.48 -87.53
N LEU F 37 4.20 -47.37 -86.99
CA LEU F 37 3.38 -46.20 -86.67
C LEU F 37 2.23 -46.56 -85.73
N PHE F 38 2.55 -47.24 -84.65
CA PHE F 38 1.57 -47.58 -83.63
C PHE F 38 1.58 -46.51 -82.55
N CYS F 39 0.91 -46.77 -81.42
CA CYS F 39 0.97 -45.86 -80.29
C CYS F 39 2.40 -45.81 -79.73
N ASN F 40 2.73 -44.66 -79.15
CA ASN F 40 4.08 -44.39 -78.65
C ASN F 40 4.03 -44.30 -77.13
N ARG F 41 4.94 -45.02 -76.46
CA ARG F 41 5.06 -44.92 -75.02
C ARG F 41 5.62 -43.57 -74.62
N THR F 42 5.12 -43.02 -73.51
CA THR F 42 5.54 -41.71 -73.06
C THR F 42 5.23 -41.60 -71.56
N PHE F 43 5.53 -40.43 -70.99
CA PHE F 43 5.28 -40.15 -69.59
C PHE F 43 4.86 -38.69 -69.48
N ASP F 44 3.58 -38.44 -69.18
CA ASP F 44 3.05 -37.09 -69.09
C ASP F 44 3.16 -36.51 -67.68
N GLU F 45 4.15 -36.96 -66.91
CA GLU F 45 4.45 -36.54 -65.54
C GLU F 45 3.39 -37.03 -64.55
N TYR F 46 2.33 -37.68 -65.01
CA TYR F 46 1.28 -38.20 -64.12
C TYR F 46 1.28 -39.72 -64.06
N ALA F 47 1.30 -40.40 -65.20
CA ALA F 47 1.23 -41.85 -65.22
C ALA F 47 1.98 -42.38 -66.42
N CYS F 48 2.35 -43.66 -66.36
CA CYS F 48 3.04 -44.32 -67.45
C CYS F 48 2.06 -44.70 -68.53
N TRP F 49 2.34 -44.28 -69.77
CA TRP F 49 1.44 -44.53 -70.89
C TRP F 49 2.13 -45.45 -71.89
N PRO F 50 1.75 -46.72 -71.96
CA PRO F 50 2.40 -47.65 -72.88
C PRO F 50 1.81 -47.59 -74.28
N ASP F 51 2.39 -48.38 -75.17
CA ASP F 51 1.92 -48.46 -76.55
C ASP F 51 0.78 -49.45 -76.61
N GLY F 52 -0.45 -48.94 -76.78
CA GLY F 52 -1.64 -49.75 -76.83
C GLY F 52 -2.05 -50.09 -78.25
N GLU F 53 -3.26 -50.62 -78.37
CA GLU F 53 -3.80 -50.98 -79.68
C GLU F 53 -4.27 -49.72 -80.39
N PRO F 54 -3.80 -49.44 -81.62
CA PRO F 54 -4.28 -48.26 -82.34
C PRO F 54 -5.75 -48.36 -82.70
N GLY F 55 -6.56 -47.47 -82.14
CA GLY F 55 -7.99 -47.51 -82.34
C GLY F 55 -8.71 -48.09 -81.14
N SER F 56 -8.17 -47.84 -79.95
CA SER F 56 -8.75 -48.37 -78.72
C SER F 56 -8.44 -47.40 -77.58
N PHE F 57 -9.19 -47.55 -76.49
CA PHE F 57 -9.06 -46.68 -75.33
C PHE F 57 -8.58 -47.41 -74.08
N VAL F 58 -8.28 -48.70 -74.18
CA VAL F 58 -7.83 -49.46 -73.02
C VAL F 58 -6.50 -48.90 -72.53
N ASN F 59 -6.40 -48.67 -71.22
CA ASN F 59 -5.24 -48.03 -70.64
C ASN F 59 -4.93 -48.68 -69.29
N VAL F 60 -4.08 -48.02 -68.50
CA VAL F 60 -3.59 -48.57 -67.26
C VAL F 60 -4.41 -48.04 -66.10
N SER F 61 -4.26 -48.67 -64.93
CA SER F 61 -5.05 -48.34 -63.75
C SER F 61 -4.54 -47.05 -63.12
N CYS F 62 -5.23 -46.64 -62.04
CA CYS F 62 -4.83 -45.46 -61.30
C CYS F 62 -3.45 -45.68 -60.67
N PRO F 63 -2.52 -44.77 -60.85
CA PRO F 63 -1.17 -44.98 -60.31
C PRO F 63 -1.14 -44.82 -58.80
N TRP F 64 -0.07 -45.33 -58.20
CA TRP F 64 0.19 -45.12 -56.79
C TRP F 64 0.77 -43.73 -56.59
N TYR F 65 1.35 -43.47 -55.42
CA TYR F 65 1.96 -42.21 -54.98
C TYR F 65 0.91 -41.11 -54.76
N LEU F 66 -0.35 -41.37 -55.05
CA LEU F 66 -1.39 -40.37 -54.83
C LEU F 66 -1.68 -40.26 -53.34
N PRO F 67 -1.82 -39.05 -52.80
CA PRO F 67 -2.02 -38.90 -51.35
C PRO F 67 -3.25 -39.62 -50.82
N TRP F 68 -4.37 -39.61 -51.56
CA TRP F 68 -5.53 -40.37 -51.11
C TRP F 68 -5.35 -41.86 -51.30
N ALA F 69 -4.49 -42.28 -52.23
CA ALA F 69 -4.10 -43.67 -52.41
C ALA F 69 -5.31 -44.58 -52.65
N SER F 70 -5.77 -45.25 -51.59
CA SER F 70 -6.80 -46.29 -51.72
C SER F 70 -8.13 -45.65 -52.04
N SER F 71 -8.47 -45.60 -53.33
CA SER F 71 -9.77 -45.13 -53.79
C SER F 71 -10.03 -45.74 -55.16
N VAL F 72 -10.91 -46.73 -55.23
CA VAL F 72 -11.17 -47.48 -56.44
C VAL F 72 -9.84 -48.01 -56.99
N PRO F 73 -9.22 -49.00 -56.34
CA PRO F 73 -7.92 -49.49 -56.83
C PRO F 73 -7.98 -50.04 -58.24
N GLN F 74 -9.11 -50.64 -58.64
CA GLN F 74 -9.25 -51.13 -60.00
C GLN F 74 -9.62 -50.05 -61.00
N GLY F 75 -9.86 -48.82 -60.53
CA GLY F 75 -10.14 -47.73 -61.46
C GLY F 75 -8.94 -47.46 -62.35
N HIS F 76 -9.22 -47.05 -63.59
CA HIS F 76 -8.18 -46.86 -64.59
C HIS F 76 -8.37 -45.54 -65.30
N VAL F 77 -7.31 -44.74 -65.36
CA VAL F 77 -7.26 -43.55 -66.20
C VAL F 77 -7.07 -43.98 -67.64
N TYR F 78 -7.82 -43.35 -68.56
CA TYR F 78 -7.89 -43.80 -69.94
C TYR F 78 -7.46 -42.70 -70.91
N ARG F 79 -7.01 -43.15 -72.08
CA ARG F 79 -6.62 -42.28 -73.19
C ARG F 79 -6.63 -43.09 -74.47
N PHE F 80 -7.35 -42.63 -75.48
CA PHE F 80 -7.62 -43.42 -76.67
C PHE F 80 -6.54 -43.24 -77.74
N CYS F 81 -6.21 -44.33 -78.42
CA CYS F 81 -5.31 -44.29 -79.57
C CYS F 81 -6.12 -44.12 -80.85
N THR F 82 -5.55 -43.39 -81.80
CA THR F 82 -6.20 -43.16 -83.09
C THR F 82 -6.04 -44.39 -83.98
N ALA F 83 -6.38 -44.25 -85.26
CA ALA F 83 -6.14 -45.33 -86.21
C ALA F 83 -4.66 -45.65 -86.31
N GLU F 84 -3.82 -44.63 -86.24
CA GLU F 84 -2.37 -44.79 -86.18
C GLU F 84 -1.81 -44.63 -84.78
N GLY F 85 -2.68 -44.62 -83.76
CA GLY F 85 -2.24 -44.47 -82.39
C GLY F 85 -1.56 -43.15 -82.12
N LEU F 86 -2.17 -42.06 -82.57
CA LEU F 86 -1.57 -40.73 -82.50
C LEU F 86 -1.94 -39.96 -81.24
N TRP F 87 -2.58 -40.61 -80.27
CA TRP F 87 -2.98 -39.96 -79.02
C TRP F 87 -3.88 -38.75 -79.30
N LEU F 88 -5.09 -39.08 -79.81
CA LEU F 88 -6.03 -38.12 -80.37
C LEU F 88 -6.09 -36.83 -79.56
N GLN F 89 -6.11 -35.71 -80.28
CA GLN F 89 -6.14 -34.40 -79.66
C GLN F 89 -7.52 -34.08 -79.11
N LYS F 90 -7.54 -33.30 -78.03
CA LYS F 90 -8.78 -32.86 -77.39
C LYS F 90 -8.91 -31.35 -77.59
N ASP F 91 -9.92 -30.94 -78.35
CA ASP F 91 -10.24 -29.53 -78.55
C ASP F 91 -9.08 -28.74 -79.16
N ASN F 92 -8.28 -29.40 -80.00
CA ASN F 92 -7.20 -28.76 -80.74
C ASN F 92 -6.21 -28.06 -79.81
N SER F 93 -5.55 -28.87 -78.98
CA SER F 93 -4.56 -28.40 -78.04
C SER F 93 -3.23 -29.11 -78.29
N SER F 94 -2.27 -28.89 -77.38
CA SER F 94 -1.00 -29.58 -77.42
C SER F 94 -0.93 -30.75 -76.44
N LEU F 95 -2.03 -31.06 -75.77
CA LEU F 95 -2.09 -32.14 -74.81
C LEU F 95 -3.12 -33.17 -75.26
N PRO F 96 -2.75 -34.45 -75.36
CA PRO F 96 -3.70 -35.46 -75.82
C PRO F 96 -4.86 -35.62 -74.83
N TRP F 97 -5.99 -36.07 -75.37
CA TRP F 97 -7.19 -36.28 -74.56
C TRP F 97 -6.92 -37.28 -73.45
N ARG F 98 -7.41 -36.96 -72.25
CA ARG F 98 -7.19 -37.81 -71.09
C ARG F 98 -8.35 -37.64 -70.12
N ASP F 99 -8.85 -38.74 -69.59
CA ASP F 99 -9.98 -38.75 -68.66
C ASP F 99 -9.49 -39.12 -67.27
N LEU F 100 -9.68 -38.22 -66.30
CA LEU F 100 -9.19 -38.42 -64.95
C LEU F 100 -10.29 -38.72 -63.94
N SER F 101 -11.55 -38.81 -64.36
CA SER F 101 -12.63 -38.99 -63.41
C SER F 101 -12.73 -40.45 -62.99
N GLU F 102 -11.60 -41.02 -62.54
CA GLU F 102 -11.56 -42.41 -62.10
C GLU F 102 -10.82 -42.54 -60.78
N CYS F 103 -9.93 -41.60 -60.50
CA CYS F 103 -9.11 -41.57 -59.28
C CYS F 103 -9.20 -40.20 -58.63
N GLU F 104 -10.42 -39.69 -58.47
CA GLU F 104 -10.64 -38.29 -58.15
C GLU F 104 -10.93 -38.08 -56.67
N GLU F 105 -10.36 -38.91 -55.80
CA GLU F 105 -10.58 -38.85 -54.35
C GLU F 105 -12.05 -38.75 -53.98
N SER F 112 -14.28 -26.31 -49.16
CA SER F 112 -13.45 -25.48 -48.30
C SER F 112 -14.10 -25.26 -46.94
N SER F 113 -14.70 -26.32 -46.41
CA SER F 113 -15.37 -26.22 -45.10
C SER F 113 -14.41 -25.89 -43.97
N PRO F 114 -13.26 -26.59 -43.78
CA PRO F 114 -12.36 -26.29 -42.65
C PRO F 114 -11.36 -25.18 -42.96
N GLU F 115 -11.84 -24.09 -43.56
CA GLU F 115 -11.02 -22.91 -43.79
C GLU F 115 -11.62 -21.65 -43.21
N GLU F 116 -12.94 -21.46 -43.34
CA GLU F 116 -13.58 -20.28 -42.77
C GLU F 116 -13.47 -20.27 -41.25
N GLN F 117 -13.66 -21.42 -40.62
CA GLN F 117 -13.54 -21.51 -39.17
C GLN F 117 -12.12 -21.17 -38.72
N LEU F 118 -11.12 -21.72 -39.41
CA LEU F 118 -9.73 -21.46 -39.04
C LEU F 118 -9.38 -19.99 -39.22
N LEU F 119 -9.83 -19.38 -40.32
CA LEU F 119 -9.56 -17.95 -40.52
C LEU F 119 -10.26 -17.10 -39.47
N PHE F 120 -11.49 -17.46 -39.11
CA PHE F 120 -12.22 -16.75 -38.07
C PHE F 120 -11.47 -16.81 -36.75
N LEU F 121 -11.06 -18.01 -36.34
CA LEU F 121 -10.32 -18.17 -35.10
C LEU F 121 -9.02 -17.40 -35.13
N TYR F 122 -8.30 -17.47 -36.26
CA TYR F 122 -7.02 -16.77 -36.37
C TYR F 122 -7.21 -15.26 -36.22
N ILE F 123 -8.21 -14.70 -36.90
CA ILE F 123 -8.44 -13.26 -36.81
C ILE F 123 -8.78 -12.88 -35.36
N ILE F 124 -9.68 -13.65 -34.73
CA ILE F 124 -10.12 -13.29 -33.39
C ILE F 124 -8.96 -13.33 -32.40
N TYR F 125 -8.19 -14.43 -32.40
CA TYR F 125 -7.15 -14.55 -31.40
C TYR F 125 -5.96 -13.63 -31.71
N THR F 126 -5.71 -13.32 -32.98
CA THR F 126 -4.67 -12.35 -33.31
C THR F 126 -5.04 -10.96 -32.81
N VAL F 127 -6.30 -10.55 -33.01
CA VAL F 127 -6.73 -9.25 -32.50
C VAL F 127 -6.63 -9.21 -30.98
N GLY F 128 -7.10 -10.28 -30.33
CA GLY F 128 -7.02 -10.33 -28.88
C GLY F 128 -5.60 -10.27 -28.37
N TYR F 129 -4.68 -10.99 -29.00
CA TYR F 129 -3.30 -11.02 -28.55
C TYR F 129 -2.61 -9.69 -28.80
N ALA F 130 -2.93 -9.01 -29.90
CA ALA F 130 -2.35 -7.69 -30.13
C ALA F 130 -2.81 -6.69 -29.07
N LEU F 131 -4.13 -6.68 -28.79
CA LEU F 131 -4.64 -5.80 -27.76
C LEU F 131 -4.01 -6.10 -26.40
N SER F 132 -3.91 -7.39 -26.06
CA SER F 132 -3.32 -7.77 -24.79
C SER F 132 -1.85 -7.37 -24.72
N PHE F 133 -1.11 -7.54 -25.82
CA PHE F 133 0.29 -7.16 -25.84
C PHE F 133 0.46 -5.68 -25.55
N SER F 134 -0.31 -4.83 -26.25
CA SER F 134 -0.20 -3.40 -26.02
C SER F 134 -0.57 -3.03 -24.60
N ALA F 135 -1.71 -3.56 -24.12
CA ALA F 135 -2.17 -3.22 -22.78
C ALA F 135 -1.20 -3.67 -21.71
N LEU F 136 -0.61 -4.85 -21.88
CA LEU F 136 0.31 -5.37 -20.88
C LEU F 136 1.66 -4.66 -20.92
N VAL F 137 2.10 -4.20 -22.09
CA VAL F 137 3.30 -3.37 -22.14
C VAL F 137 3.06 -2.07 -21.36
N ILE F 138 1.89 -1.44 -21.59
CA ILE F 138 1.56 -0.23 -20.85
C ILE F 138 1.48 -0.51 -19.35
N ALA F 139 0.88 -1.64 -18.98
CA ALA F 139 0.73 -1.98 -17.56
C ALA F 139 2.07 -2.23 -16.90
N SER F 140 2.98 -2.94 -17.58
CA SER F 140 4.31 -3.16 -17.04
C SER F 140 5.06 -1.84 -16.87
N ALA F 141 4.93 -0.94 -17.85
CA ALA F 141 5.55 0.38 -17.72
C ALA F 141 5.00 1.12 -16.50
N ILE F 142 3.69 1.07 -16.30
CA ILE F 142 3.08 1.75 -15.17
C ILE F 142 3.57 1.15 -13.86
N LEU F 143 3.61 -0.17 -13.77
CA LEU F 143 4.00 -0.82 -12.52
C LEU F 143 5.47 -0.55 -12.19
N LEU F 144 6.34 -0.57 -13.19
CA LEU F 144 7.76 -0.33 -12.92
C LEU F 144 8.07 1.14 -12.69
N GLY F 145 7.31 2.05 -13.31
CA GLY F 145 7.62 3.47 -13.20
C GLY F 145 7.45 4.01 -11.80
N PHE F 146 6.35 3.65 -11.13
CA PHE F 146 6.06 4.17 -9.80
C PHE F 146 6.80 3.34 -8.75
N ARG F 147 7.62 4.00 -7.95
CA ARG F 147 8.40 3.30 -6.94
C ARG F 147 7.57 2.88 -5.74
N HIS F 148 6.40 3.51 -5.52
CA HIS F 148 5.55 3.12 -4.40
C HIS F 148 5.01 1.71 -4.58
N LEU F 149 4.66 1.34 -5.82
CA LEU F 149 4.10 0.02 -6.11
C LEU F 149 5.22 -0.97 -6.41
N HIS F 150 5.95 -1.33 -5.36
CA HIS F 150 7.11 -2.21 -5.47
C HIS F 150 7.08 -3.28 -4.39
N CYS F 151 5.93 -3.93 -4.22
CA CYS F 151 5.79 -5.01 -3.27
C CYS F 151 6.02 -6.36 -3.95
N THR F 152 5.98 -7.44 -3.17
CA THR F 152 6.11 -8.77 -3.75
C THR F 152 4.94 -9.10 -4.66
N ARG F 153 3.74 -8.68 -4.28
CA ARG F 153 2.56 -8.92 -5.11
C ARG F 153 2.72 -8.26 -6.47
N ASN F 154 3.22 -7.03 -6.51
CA ASN F 154 3.42 -6.36 -7.79
C ASN F 154 4.56 -7.00 -8.58
N TYR F 155 5.55 -7.57 -7.90
CA TYR F 155 6.59 -8.32 -8.61
C TYR F 155 6.01 -9.55 -9.30
N ILE F 156 5.14 -10.28 -8.61
CA ILE F 156 4.48 -11.43 -9.23
C ILE F 156 3.58 -10.98 -10.37
N HIS F 157 2.90 -9.84 -10.20
CA HIS F 157 2.09 -9.29 -11.28
C HIS F 157 2.95 -8.94 -12.49
N LEU F 158 4.11 -8.35 -12.26
CA LEU F 158 5.01 -8.01 -13.36
C LEU F 158 5.50 -9.26 -14.09
N ASN F 159 5.82 -10.31 -13.33
CA ASN F 159 6.24 -11.56 -13.95
C ASN F 159 5.10 -12.16 -14.78
N LEU F 160 3.87 -12.10 -14.27
CA LEU F 160 2.72 -12.60 -15.03
C LEU F 160 2.52 -11.78 -16.31
N PHE F 161 2.69 -10.47 -16.22
CA PHE F 161 2.55 -9.62 -17.39
C PHE F 161 3.60 -9.97 -18.44
N ALA F 162 4.84 -10.15 -18.01
CA ALA F 162 5.90 -10.52 -18.93
C ALA F 162 5.64 -11.88 -19.56
N SER F 163 5.09 -12.81 -18.79
CA SER F 163 4.73 -14.12 -19.35
C SER F 163 3.64 -14.01 -20.40
N PHE F 164 2.62 -13.19 -20.13
CA PHE F 164 1.58 -12.96 -21.13
C PHE F 164 2.15 -12.34 -22.40
N ILE F 165 3.05 -11.37 -22.24
CA ILE F 165 3.67 -10.73 -23.40
C ILE F 165 4.48 -11.74 -24.20
N LEU F 166 5.23 -12.60 -23.50
CA LEU F 166 6.00 -13.63 -24.19
C LEU F 166 5.09 -14.59 -24.94
N ARG F 167 3.95 -14.95 -24.32
CA ARG F 167 3.01 -15.82 -25.00
C ARG F 167 2.47 -15.19 -26.27
N ALA F 168 2.11 -13.91 -26.21
CA ALA F 168 1.61 -13.22 -27.40
C ALA F 168 2.67 -13.16 -28.49
N LEU F 169 3.91 -12.83 -28.11
CA LEU F 169 4.99 -12.77 -29.09
C LEU F 169 5.24 -14.13 -29.73
N SER F 170 5.23 -15.19 -28.91
CA SER F 170 5.43 -16.53 -29.44
C SER F 170 4.30 -16.91 -30.40
N VAL F 171 3.07 -16.52 -30.09
CA VAL F 171 1.96 -16.81 -30.99
C VAL F 171 2.14 -16.08 -32.33
N PHE F 172 2.55 -14.82 -32.28
CA PHE F 172 2.78 -14.07 -33.52
C PHE F 172 3.88 -14.73 -34.35
N ILE F 173 4.98 -15.11 -33.71
CA ILE F 173 6.09 -15.72 -34.43
C ILE F 173 5.68 -17.08 -34.99
N LYS F 174 4.86 -17.83 -34.24
CA LYS F 174 4.37 -19.11 -34.72
C LYS F 174 3.51 -18.94 -35.97
N ASP F 175 2.63 -17.93 -35.97
CA ASP F 175 1.82 -17.68 -37.16
C ASP F 175 2.68 -17.29 -38.35
N ALA F 176 3.69 -16.44 -38.11
CA ALA F 176 4.59 -16.06 -39.20
C ALA F 176 5.35 -17.26 -39.74
N ALA F 177 5.81 -18.14 -38.85
CA ALA F 177 6.53 -19.33 -39.29
C ALA F 177 5.62 -20.28 -40.05
N LEU F 178 4.36 -20.39 -39.64
CA LEU F 178 3.41 -21.20 -40.38
C LEU F 178 3.18 -20.63 -41.78
N LYS F 179 3.10 -19.30 -41.89
CA LYS F 179 2.97 -18.69 -43.19
C LYS F 179 4.18 -18.96 -44.08
N TRP F 180 5.39 -18.88 -43.48
CA TRP F 180 6.59 -19.12 -44.26
C TRP F 180 6.75 -20.59 -44.65
N MET F 181 6.24 -21.50 -43.81
CA MET F 181 6.46 -22.93 -44.03
C MET F 181 5.79 -23.41 -45.32
N TYR F 182 4.58 -22.94 -45.59
CA TYR F 182 3.78 -23.39 -46.73
C TYR F 182 3.60 -22.30 -47.77
N SER F 183 4.64 -21.50 -47.99
CA SER F 183 4.61 -20.50 -49.03
C SER F 183 4.81 -21.14 -50.40
N THR F 184 4.52 -20.36 -51.44
CA THR F 184 4.66 -20.86 -52.80
C THR F 184 6.11 -21.24 -53.11
N ALA F 185 7.06 -20.41 -52.67
CA ALA F 185 8.47 -20.71 -52.91
C ALA F 185 8.88 -22.00 -52.22
N ALA F 186 8.42 -22.20 -50.97
CA ALA F 186 8.75 -23.42 -50.26
C ALA F 186 8.12 -24.64 -50.94
N GLN F 187 6.89 -24.50 -51.42
CA GLN F 187 6.24 -25.60 -52.11
C GLN F 187 6.98 -25.96 -53.39
N GLN F 188 7.40 -24.96 -54.16
CA GLN F 188 8.16 -25.23 -55.38
C GLN F 188 9.51 -25.86 -55.06
N HIS F 189 10.17 -25.39 -54.01
CA HIS F 189 11.46 -25.95 -53.61
C HIS F 189 11.30 -27.40 -53.20
N GLN F 190 10.23 -27.73 -52.48
CA GLN F 190 9.97 -29.12 -52.13
C GLN F 190 9.62 -29.94 -53.35
N TRP F 191 8.97 -29.34 -54.35
CA TRP F 191 8.71 -30.04 -55.61
C TRP F 191 10.02 -30.41 -56.30
N ASP F 192 10.99 -29.48 -56.30
CA ASP F 192 12.27 -29.77 -56.93
C ASP F 192 12.98 -30.92 -56.24
N GLY F 193 12.97 -30.96 -54.91
CA GLY F 193 13.57 -32.06 -54.19
C GLY F 193 14.60 -31.64 -53.17
N LEU F 194 15.09 -30.40 -53.27
CA LEU F 194 16.09 -29.92 -52.35
C LEU F 194 15.46 -29.51 -51.02
N LEU F 195 16.31 -29.29 -50.02
CA LEU F 195 15.83 -29.00 -48.67
C LEU F 195 15.14 -27.64 -48.64
N SER F 196 13.99 -27.59 -47.97
CA SER F 196 13.20 -26.39 -47.82
C SER F 196 13.34 -25.84 -46.40
N TYR F 197 12.52 -24.83 -46.07
CA TYR F 197 12.51 -24.27 -44.72
C TYR F 197 12.14 -25.31 -43.68
N GLN F 198 11.35 -26.33 -44.06
CA GLN F 198 10.91 -27.33 -43.10
C GLN F 198 12.06 -28.14 -42.53
N ASP F 199 13.20 -28.20 -43.22
CA ASP F 199 14.36 -28.93 -42.74
C ASP F 199 15.30 -28.07 -41.90
N SER F 200 14.96 -26.80 -41.69
CA SER F 200 15.80 -25.92 -40.90
C SER F 200 15.66 -26.23 -39.40
N LEU F 201 16.49 -25.59 -38.60
CA LEU F 201 16.46 -25.76 -37.15
C LEU F 201 15.70 -24.66 -36.44
N SER F 202 15.73 -23.43 -36.96
CA SER F 202 14.95 -22.36 -36.36
C SER F 202 13.46 -22.63 -36.45
N CYS F 203 13.03 -23.37 -37.48
CA CYS F 203 11.62 -23.67 -37.65
C CYS F 203 11.08 -24.49 -36.49
N ARG F 204 11.84 -25.49 -36.03
CA ARG F 204 11.42 -26.28 -34.88
C ARG F 204 11.57 -25.50 -33.58
N LEU F 205 12.60 -24.67 -33.50
CA LEU F 205 12.82 -23.88 -32.29
C LEU F 205 11.71 -22.87 -32.07
N VAL F 206 11.10 -22.38 -33.15
CA VAL F 206 9.99 -21.44 -33.00
C VAL F 206 8.83 -22.09 -32.25
N PHE F 207 8.48 -23.32 -32.63
CA PHE F 207 7.37 -23.99 -31.98
C PHE F 207 7.73 -24.51 -30.60
N LEU F 208 9.00 -24.89 -30.39
CA LEU F 208 9.43 -25.21 -29.02
C LEU F 208 9.31 -23.99 -28.11
N LEU F 209 9.69 -22.83 -28.61
CA LEU F 209 9.54 -21.59 -27.85
C LEU F 209 8.07 -21.29 -27.57
N MET F 210 7.21 -21.53 -28.56
CA MET F 210 5.78 -21.32 -28.33
C MET F 210 5.24 -22.24 -27.24
N GLN F 211 5.63 -23.52 -27.26
CA GLN F 211 5.19 -24.45 -26.23
C GLN F 211 5.68 -23.99 -24.86
N TYR F 212 6.94 -23.59 -24.77
CA TYR F 212 7.49 -23.13 -23.49
C TYR F 212 6.76 -21.89 -22.99
N CYS F 213 6.46 -20.95 -23.88
CA CYS F 213 5.78 -19.73 -23.46
C CYS F 213 4.38 -20.03 -22.95
N VAL F 214 3.67 -20.94 -23.62
CA VAL F 214 2.33 -21.31 -23.16
C VAL F 214 2.39 -21.97 -21.78
N ALA F 215 3.33 -22.90 -21.61
CA ALA F 215 3.46 -23.57 -20.31
C ALA F 215 3.84 -22.57 -19.22
N ALA F 216 4.72 -21.62 -19.54
CA ALA F 216 5.11 -20.62 -18.57
C ALA F 216 3.95 -19.73 -18.18
N ASN F 217 3.08 -19.39 -19.14
CA ASN F 217 1.90 -18.60 -18.82
C ASN F 217 0.99 -19.36 -17.86
N TYR F 218 0.75 -20.64 -18.14
CA TYR F 218 -0.12 -21.42 -17.27
C TYR F 218 0.48 -21.54 -15.87
N TYR F 219 1.79 -21.77 -15.77
CA TYR F 219 2.38 -21.92 -14.46
C TYR F 219 2.55 -20.59 -13.72
N TRP F 220 2.58 -19.47 -14.42
CA TRP F 220 2.56 -18.20 -13.69
C TRP F 220 1.15 -17.86 -13.20
N LEU F 221 0.11 -18.27 -13.92
CA LEU F 221 -1.23 -18.21 -13.34
C LEU F 221 -1.30 -19.08 -12.09
N LEU F 222 -0.71 -20.27 -12.14
CA LEU F 222 -0.66 -21.13 -10.97
C LEU F 222 0.10 -20.46 -9.82
N VAL F 223 1.21 -19.78 -10.11
CA VAL F 223 1.97 -19.11 -9.07
C VAL F 223 1.15 -17.99 -8.45
N GLU F 224 0.42 -17.24 -9.28
CA GLU F 224 -0.44 -16.19 -8.75
C GLU F 224 -1.47 -16.76 -7.78
N GLY F 225 -2.13 -17.84 -8.19
CA GLY F 225 -3.12 -18.47 -7.31
C GLY F 225 -2.50 -18.99 -6.03
N VAL F 226 -1.34 -19.63 -6.12
CA VAL F 226 -0.69 -20.19 -4.95
C VAL F 226 -0.26 -19.08 -3.99
N TYR F 227 0.26 -17.97 -4.52
CA TYR F 227 0.65 -16.86 -3.66
C TYR F 227 -0.56 -16.26 -2.95
N LEU F 228 -1.67 -16.10 -3.67
CA LEU F 228 -2.88 -15.59 -3.01
C LEU F 228 -3.35 -16.53 -1.92
N TYR F 229 -3.34 -17.84 -2.19
CA TYR F 229 -3.78 -18.80 -1.18
C TYR F 229 -2.86 -18.81 0.03
N THR F 230 -1.55 -18.70 -0.18
CA THR F 230 -0.62 -18.66 0.95
C THR F 230 -0.80 -17.39 1.76
N LEU F 231 -1.09 -16.26 1.10
CA LEU F 231 -1.37 -15.04 1.84
C LEU F 231 -2.62 -15.19 2.69
N LEU F 232 -3.66 -15.81 2.13
CA LEU F 232 -4.93 -15.89 2.86
C LEU F 232 -4.90 -16.93 3.98
N ALA F 233 -4.21 -18.06 3.77
CA ALA F 233 -4.32 -19.19 4.67
C ALA F 233 -3.14 -19.30 5.64
N PHE F 234 -1.93 -19.40 5.12
CA PHE F 234 -0.76 -19.68 5.94
C PHE F 234 -0.31 -18.42 6.68
N SER F 235 0.80 -18.53 7.39
CA SER F 235 1.36 -17.41 8.14
C SER F 235 2.26 -16.59 7.22
N VAL F 236 3.04 -15.68 7.80
CA VAL F 236 3.96 -14.84 7.04
C VAL F 236 5.27 -15.58 6.86
N LEU F 237 5.69 -15.75 5.61
CA LEU F 237 6.95 -16.40 5.27
C LEU F 237 7.95 -15.37 4.78
N SER F 238 9.20 -15.79 4.70
CA SER F 238 10.27 -14.92 4.22
C SER F 238 10.04 -14.58 2.76
N GLU F 239 9.63 -13.34 2.48
CA GLU F 239 9.38 -12.94 1.11
C GLU F 239 10.64 -13.00 0.26
N GLN F 240 11.80 -12.71 0.85
CA GLN F 240 13.05 -12.81 0.11
C GLN F 240 13.30 -14.22 -0.39
N TRP F 241 13.02 -15.22 0.45
CA TRP F 241 13.20 -16.61 0.08
C TRP F 241 12.01 -17.18 -0.69
N ILE F 242 10.82 -16.61 -0.53
CA ILE F 242 9.65 -17.15 -1.22
C ILE F 242 9.51 -16.60 -2.64
N PHE F 243 9.98 -15.37 -2.88
CA PHE F 243 9.91 -14.83 -4.24
C PHE F 243 10.82 -15.58 -5.19
N ARG F 244 12.01 -15.97 -4.73
CA ARG F 244 12.89 -16.76 -5.57
C ARG F 244 12.27 -18.12 -5.89
N LEU F 245 11.65 -18.75 -4.89
CA LEU F 245 10.98 -20.03 -5.14
C LEU F 245 9.84 -19.87 -6.13
N TYR F 246 9.04 -18.81 -6.00
CA TYR F 246 7.94 -18.60 -6.91
C TYR F 246 8.43 -18.33 -8.33
N VAL F 247 9.50 -17.55 -8.46
CA VAL F 247 10.07 -17.28 -9.79
C VAL F 247 10.59 -18.57 -10.42
N SER F 248 11.27 -19.39 -9.62
CA SER F 248 11.76 -20.68 -10.12
C SER F 248 10.60 -21.56 -10.55
N ILE F 249 9.53 -21.61 -9.76
CA ILE F 249 8.37 -22.42 -10.10
C ILE F 249 7.75 -21.94 -11.40
N GLY F 250 7.60 -20.63 -11.55
CA GLY F 250 6.94 -20.08 -12.73
C GLY F 250 7.74 -20.26 -14.00
N TRP F 251 9.06 -20.01 -13.95
CA TRP F 251 9.85 -19.96 -15.17
C TRP F 251 10.62 -21.24 -15.46
N GLY F 252 10.95 -22.06 -14.46
CA GLY F 252 11.80 -23.19 -14.68
C GLY F 252 11.09 -24.53 -14.72
N VAL F 253 9.94 -24.63 -14.03
CA VAL F 253 9.17 -25.88 -14.06
C VAL F 253 8.70 -26.21 -15.47
N PRO F 254 8.22 -25.27 -16.29
CA PRO F 254 7.88 -25.63 -17.68
C PRO F 254 9.06 -26.22 -18.44
N LEU F 255 10.30 -25.90 -18.06
CA LEU F 255 11.46 -26.52 -18.70
C LEU F 255 11.58 -27.99 -18.35
N LEU F 256 10.86 -28.47 -17.33
CA LEU F 256 10.94 -29.87 -16.93
C LEU F 256 10.06 -30.78 -17.77
N PHE F 257 9.12 -30.23 -18.54
CA PHE F 257 8.31 -31.02 -19.45
C PHE F 257 8.21 -30.44 -20.85
N VAL F 258 8.86 -29.30 -21.11
CA VAL F 258 8.93 -28.78 -22.47
C VAL F 258 10.19 -29.26 -23.18
N VAL F 259 11.33 -29.22 -22.47
CA VAL F 259 12.56 -29.79 -23.04
C VAL F 259 12.43 -31.29 -23.29
N PRO F 260 11.90 -32.10 -22.37
CA PRO F 260 11.66 -33.51 -22.72
C PRO F 260 10.74 -33.70 -23.91
N TRP F 261 9.72 -32.85 -24.06
CA TRP F 261 8.84 -32.93 -25.23
C TRP F 261 9.62 -32.64 -26.50
N GLY F 262 10.49 -31.63 -26.47
CA GLY F 262 11.32 -31.34 -27.62
C GLY F 262 12.27 -32.48 -27.95
N ILE F 263 12.82 -33.11 -26.92
CA ILE F 263 13.71 -34.25 -27.15
C ILE F 263 12.95 -35.40 -27.80
N VAL F 264 11.75 -35.68 -27.31
CA VAL F 264 10.93 -36.76 -27.88
C VAL F 264 10.58 -36.43 -29.32
N LYS F 265 10.23 -35.17 -29.60
CA LYS F 265 9.94 -34.77 -30.97
C LYS F 265 11.16 -34.93 -31.87
N TYR F 266 12.35 -34.57 -31.39
CA TYR F 266 13.57 -34.76 -32.16
C TYR F 266 13.83 -36.23 -32.45
N LEU F 267 13.64 -37.10 -31.45
CA LEU F 267 14.01 -38.51 -31.59
C LEU F 267 12.98 -39.30 -32.40
N TYR F 268 11.73 -39.35 -31.93
CA TYR F 268 10.73 -40.26 -32.48
C TYR F 268 9.88 -39.61 -33.57
N GLU F 269 9.18 -38.53 -33.23
CA GLU F 269 8.21 -37.91 -34.13
C GLU F 269 8.75 -36.54 -34.55
N ASP F 270 9.55 -36.51 -35.61
CA ASP F 270 10.08 -35.26 -36.13
C ASP F 270 9.08 -34.56 -37.04
N GLU F 271 8.66 -35.25 -38.10
CA GLU F 271 7.66 -34.73 -39.04
C GLU F 271 8.04 -33.34 -39.54
N GLY F 272 7.05 -32.46 -39.67
CA GLY F 272 7.32 -31.12 -40.14
C GLY F 272 7.34 -30.06 -39.06
N CYS F 273 8.55 -29.66 -38.65
CA CYS F 273 8.77 -28.52 -37.76
C CYS F 273 8.06 -28.66 -36.42
N TRP F 274 7.74 -29.89 -36.00
CA TRP F 274 7.09 -30.16 -34.71
C TRP F 274 5.78 -29.40 -34.57
N THR F 275 5.01 -29.33 -35.66
CA THR F 275 3.74 -28.61 -35.65
C THR F 275 2.53 -29.53 -35.50
N ARG F 276 2.68 -30.82 -35.78
CA ARG F 276 1.57 -31.75 -35.76
C ARG F 276 1.69 -32.71 -34.58
N ASN F 277 0.54 -33.24 -34.15
CA ASN F 277 0.47 -34.10 -32.98
C ASN F 277 -0.05 -35.47 -33.34
N SER F 278 0.51 -36.08 -34.39
CA SER F 278 0.00 -37.36 -34.90
C SER F 278 -0.05 -38.42 -33.80
N ASN F 279 0.89 -38.39 -32.87
CA ASN F 279 0.87 -39.27 -31.72
C ASN F 279 0.41 -38.47 -30.49
N MET F 280 -0.71 -38.89 -29.91
CA MET F 280 -1.27 -38.17 -28.77
C MET F 280 -0.52 -38.42 -27.47
N ASN F 281 0.18 -39.56 -27.37
CA ASN F 281 0.94 -39.83 -26.14
C ASN F 281 2.07 -38.82 -25.95
N TYR F 282 2.74 -38.44 -27.03
CA TYR F 282 3.78 -37.42 -26.92
C TYR F 282 3.16 -36.04 -26.67
N TRP F 283 1.91 -35.84 -27.07
CA TRP F 283 1.21 -34.59 -26.77
C TRP F 283 0.79 -34.54 -25.31
N LEU F 284 0.59 -35.69 -24.69
CA LEU F 284 0.25 -35.73 -23.28
C LEU F 284 1.35 -35.14 -22.41
N ILE F 285 2.61 -35.21 -22.88
CA ILE F 285 3.72 -34.68 -22.09
C ILE F 285 3.53 -33.21 -21.81
N ILE F 286 3.01 -32.46 -22.78
CA ILE F 286 2.69 -31.06 -22.55
C ILE F 286 1.30 -30.88 -21.96
N ARG F 287 0.34 -31.71 -22.35
CA ARG F 287 -1.04 -31.47 -21.94
C ARG F 287 -1.29 -31.78 -20.48
N LEU F 288 -0.54 -32.70 -19.88
CA LEU F 288 -0.87 -33.17 -18.53
C LEU F 288 -0.45 -32.17 -17.44
N PRO F 289 0.79 -31.67 -17.41
CA PRO F 289 1.14 -30.69 -16.37
C PRO F 289 0.29 -29.43 -16.43
N ILE F 290 -0.09 -29.00 -17.63
CA ILE F 290 -0.96 -27.83 -17.75
C ILE F 290 -2.32 -28.12 -17.14
N LEU F 291 -2.83 -29.34 -17.34
CA LEU F 291 -4.09 -29.74 -16.72
C LEU F 291 -3.97 -29.76 -15.20
N PHE F 292 -2.82 -30.23 -14.69
CA PHE F 292 -2.59 -30.22 -13.25
C PHE F 292 -2.61 -28.80 -12.70
N ALA F 293 -1.95 -27.87 -13.40
CA ALA F 293 -1.95 -26.48 -12.99
C ALA F 293 -3.36 -25.92 -13.01
N ILE F 294 -4.14 -26.23 -14.04
CA ILE F 294 -5.51 -25.72 -14.15
C ILE F 294 -6.37 -26.25 -13.00
N GLY F 295 -6.23 -27.54 -12.68
CA GLY F 295 -7.01 -28.10 -11.59
C GLY F 295 -6.65 -27.50 -10.25
N VAL F 296 -5.35 -27.35 -9.98
CA VAL F 296 -4.93 -26.75 -8.71
C VAL F 296 -5.44 -25.31 -8.62
N ASN F 297 -5.36 -24.56 -9.73
CA ASN F 297 -5.83 -23.19 -9.72
C ASN F 297 -7.34 -23.10 -9.53
N PHE F 298 -8.09 -24.06 -10.08
CA PHE F 298 -9.53 -24.09 -9.83
C PHE F 298 -9.85 -24.37 -8.37
N LEU F 299 -9.11 -25.29 -7.75
CA LEU F 299 -9.30 -25.54 -6.33
C LEU F 299 -8.99 -24.30 -5.51
N ILE F 300 -7.91 -23.59 -5.84
CA ILE F 300 -7.57 -22.37 -5.14
C ILE F 300 -8.65 -21.31 -5.33
N PHE F 301 -9.20 -21.22 -6.55
CA PHE F 301 -10.29 -20.27 -6.82
C PHE F 301 -11.50 -20.59 -5.95
N VAL F 302 -11.86 -21.86 -5.83
CA VAL F 302 -13.00 -22.25 -5.01
C VAL F 302 -12.75 -21.88 -3.55
N ARG F 303 -11.54 -22.16 -3.05
CA ARG F 303 -11.23 -21.85 -1.66
C ARG F 303 -11.27 -20.34 -1.41
N VAL F 304 -10.74 -19.54 -2.34
CA VAL F 304 -10.73 -18.10 -2.15
C VAL F 304 -12.15 -17.53 -2.20
N ILE F 305 -12.99 -18.06 -3.09
CA ILE F 305 -14.38 -17.59 -3.14
C ILE F 305 -15.12 -17.97 -1.87
N CYS F 306 -14.83 -19.16 -1.33
CA CYS F 306 -15.42 -19.53 -0.04
C CYS F 306 -14.99 -18.58 1.07
N ILE F 307 -13.71 -18.22 1.09
CA ILE F 307 -13.22 -17.27 2.09
C ILE F 307 -13.92 -15.93 1.95
N VAL F 308 -14.06 -15.45 0.71
CA VAL F 308 -14.70 -14.15 0.48
C VAL F 308 -16.16 -14.19 0.93
N VAL F 309 -16.88 -15.25 0.60
CA VAL F 309 -18.29 -15.33 0.98
C VAL F 309 -18.42 -15.49 2.49
N SER F 310 -17.44 -16.11 3.15
CA SER F 310 -17.47 -16.16 4.61
C SER F 310 -17.23 -14.78 5.21
N LYS F 311 -16.33 -14.00 4.62
CA LYS F 311 -16.10 -12.64 5.11
C LYS F 311 -17.33 -11.77 4.92
N LEU F 312 -18.03 -11.92 3.80
CA LEU F 312 -19.21 -11.09 3.55
C LEU F 312 -20.36 -11.44 4.49
N LYS F 313 -20.49 -12.71 4.84
CA LYS F 313 -21.57 -13.18 5.71
C LYS F 313 -21.18 -13.15 7.18
N ALA F 314 -20.70 -12.01 7.66
CA ALA F 314 -20.27 -11.87 9.04
C ALA F 314 -20.19 -10.39 9.39
N ASN F 315 -19.93 -10.12 10.68
CA ASN F 315 -19.71 -8.78 11.19
C ASN F 315 -20.92 -7.87 10.96
N LEU F 316 -22.11 -8.45 10.87
CA LEU F 316 -23.38 -7.76 10.67
C LEU F 316 -23.41 -6.92 9.40
N MET F 317 -22.46 -7.13 8.49
CA MET F 317 -22.44 -6.37 7.24
C MET F 317 -23.48 -6.87 6.24
N CYS F 318 -23.83 -8.16 6.31
CA CYS F 318 -24.69 -8.79 5.31
C CYS F 318 -26.12 -8.28 5.47
N LYS F 319 -26.52 -7.35 4.60
CA LYS F 319 -27.92 -6.92 4.56
C LYS F 319 -28.59 -7.27 3.24
N THR F 320 -28.08 -6.76 2.11
CA THR F 320 -28.63 -7.14 0.81
C THR F 320 -27.58 -7.34 -0.28
N ASP F 321 -26.34 -6.90 -0.10
CA ASP F 321 -25.35 -6.88 -1.17
C ASP F 321 -24.44 -8.11 -1.16
N ILE F 322 -24.94 -9.25 -0.66
CA ILE F 322 -24.12 -10.46 -0.66
C ILE F 322 -23.88 -10.95 -2.09
N LYS F 323 -24.88 -10.86 -2.96
CA LYS F 323 -24.76 -11.42 -4.30
C LYS F 323 -24.04 -10.48 -5.27
N CYS F 324 -24.30 -9.18 -5.20
CA CYS F 324 -23.67 -8.25 -6.13
C CYS F 324 -22.17 -8.17 -5.88
N ARG F 325 -21.78 -7.98 -4.60
CA ARG F 325 -20.35 -7.91 -4.28
C ARG F 325 -19.65 -9.22 -4.58
N LEU F 326 -20.29 -10.35 -4.29
CA LEU F 326 -19.69 -11.64 -4.60
C LEU F 326 -19.55 -11.83 -6.10
N ALA F 327 -20.55 -11.39 -6.88
CA ALA F 327 -20.46 -11.50 -8.33
C ALA F 327 -19.29 -10.65 -8.86
N LYS F 328 -19.15 -9.43 -8.36
CA LYS F 328 -18.05 -8.59 -8.80
C LYS F 328 -16.70 -9.20 -8.43
N SER F 329 -16.59 -9.73 -7.22
CA SER F 329 -15.33 -10.35 -6.78
C SER F 329 -14.99 -11.57 -7.62
N THR F 330 -16.00 -12.41 -7.93
CA THR F 330 -15.76 -13.58 -8.75
C THR F 330 -15.34 -13.19 -10.16
N LEU F 331 -16.01 -12.19 -10.74
CA LEU F 331 -15.66 -11.76 -12.09
C LEU F 331 -14.27 -11.12 -12.13
N THR F 332 -13.86 -10.50 -11.02
CA THR F 332 -12.49 -9.98 -10.94
C THR F 332 -11.48 -11.10 -10.82
N LEU F 333 -11.79 -12.13 -10.02
CA LEU F 333 -10.83 -13.20 -9.77
C LEU F 333 -10.70 -14.14 -10.95
N ILE F 334 -11.74 -14.25 -11.78
CA ILE F 334 -11.71 -15.23 -12.87
C ILE F 334 -10.53 -15.02 -13.83
N PRO F 335 -10.27 -13.82 -14.34
CA PRO F 335 -9.15 -13.68 -15.29
C PRO F 335 -7.78 -13.74 -14.63
N LEU F 336 -7.66 -13.45 -13.34
CA LEU F 336 -6.36 -13.50 -12.69
C LEU F 336 -5.83 -14.93 -12.64
N LEU F 337 -6.71 -15.90 -12.47
CA LEU F 337 -6.36 -17.31 -12.45
C LEU F 337 -6.82 -17.98 -13.75
N GLY F 338 -6.44 -19.23 -13.91
CA GLY F 338 -6.88 -20.00 -15.06
C GLY F 338 -8.15 -20.75 -14.78
N THR F 339 -9.26 -20.03 -14.62
CA THR F 339 -10.54 -20.63 -14.25
C THR F 339 -11.53 -20.72 -15.40
N HIS F 340 -11.47 -19.82 -16.36
CA HIS F 340 -12.35 -19.92 -17.52
C HIS F 340 -12.02 -21.13 -18.38
N GLU F 341 -10.81 -21.66 -18.28
CA GLU F 341 -10.38 -22.76 -19.13
C GLU F 341 -10.77 -24.12 -18.57
N VAL F 342 -11.21 -24.19 -17.32
CA VAL F 342 -11.61 -25.47 -16.73
C VAL F 342 -12.90 -26.02 -17.32
N ILE F 343 -13.64 -25.20 -18.05
CA ILE F 343 -14.89 -25.67 -18.65
C ILE F 343 -14.60 -26.73 -19.71
N PHE F 344 -13.66 -26.45 -20.61
CA PHE F 344 -13.32 -27.36 -21.70
C PHE F 344 -11.94 -27.97 -21.54
N ALA F 345 -11.26 -27.73 -20.42
CA ALA F 345 -9.94 -28.30 -20.23
C ALA F 345 -9.99 -29.82 -20.16
N PHE F 346 -11.04 -30.37 -19.53
CA PHE F 346 -11.13 -31.81 -19.34
C PHE F 346 -11.72 -32.53 -20.55
N VAL F 347 -12.21 -31.80 -21.55
CA VAL F 347 -12.61 -32.39 -22.82
C VAL F 347 -11.34 -32.55 -23.65
N MET F 348 -10.80 -33.76 -23.69
CA MET F 348 -9.48 -33.99 -24.25
C MET F 348 -9.49 -33.76 -25.76
N ASP F 349 -8.28 -33.61 -26.33
CA ASP F 349 -8.15 -33.40 -27.76
C ASP F 349 -8.61 -34.61 -28.55
N GLU F 350 -8.40 -35.81 -28.03
CA GLU F 350 -8.79 -37.02 -28.75
C GLU F 350 -10.30 -37.11 -28.91
N HIS F 351 -11.05 -36.72 -27.88
CA HIS F 351 -12.50 -36.88 -27.86
C HIS F 351 -13.24 -35.64 -28.35
N ALA F 352 -12.54 -34.62 -28.82
CA ALA F 352 -13.16 -33.39 -29.31
C ALA F 352 -13.19 -33.45 -30.84
N ARG F 353 -14.37 -33.75 -31.39
CA ARG F 353 -14.56 -33.84 -32.83
C ARG F 353 -15.84 -33.13 -33.22
N GLY F 354 -15.90 -32.68 -34.48
CA GLY F 354 -17.09 -32.04 -34.98
C GLY F 354 -17.25 -30.63 -34.45
N THR F 355 -18.50 -30.22 -34.20
CA THR F 355 -18.76 -28.86 -33.75
C THR F 355 -18.29 -28.65 -32.32
N LEU F 356 -18.22 -29.72 -31.51
CA LEU F 356 -17.71 -29.57 -30.16
C LEU F 356 -16.25 -29.14 -30.15
N ARG F 357 -15.44 -29.70 -31.05
CA ARG F 357 -14.05 -29.29 -31.14
C ARG F 357 -13.93 -27.82 -31.52
N PHE F 358 -14.75 -27.37 -32.48
CA PHE F 358 -14.71 -25.96 -32.85
C PHE F 358 -15.14 -25.07 -31.69
N ILE F 359 -16.17 -25.48 -30.95
CA ILE F 359 -16.62 -24.69 -29.82
C ILE F 359 -15.52 -24.57 -28.78
N LYS F 360 -14.87 -25.69 -28.46
CA LYS F 360 -13.79 -25.69 -27.49
C LYS F 360 -12.65 -24.79 -27.95
N LEU F 361 -12.22 -24.95 -29.22
CA LEU F 361 -11.12 -24.15 -29.73
C LEU F 361 -11.45 -22.67 -29.70
N PHE F 362 -12.66 -22.31 -30.14
CA PHE F 362 -13.07 -20.91 -30.16
C PHE F 362 -13.07 -20.32 -28.75
N THR F 363 -13.73 -21.00 -27.81
CA THR F 363 -13.80 -20.49 -26.45
C THR F 363 -12.42 -20.31 -25.85
N GLU F 364 -11.60 -21.36 -25.89
CA GLU F 364 -10.29 -21.29 -25.26
C GLU F 364 -9.42 -20.23 -25.93
N LEU F 365 -9.37 -20.21 -27.26
CA LEU F 365 -8.50 -19.27 -27.95
C LEU F 365 -8.91 -17.82 -27.68
N SER F 366 -10.20 -17.51 -27.85
CA SER F 366 -10.63 -16.13 -27.67
C SER F 366 -10.47 -15.68 -26.22
N PHE F 367 -10.89 -16.50 -25.27
CA PHE F 367 -10.80 -16.10 -23.88
C PHE F 367 -9.35 -15.96 -23.42
N THR F 368 -8.48 -16.88 -23.84
CA THR F 368 -7.06 -16.75 -23.48
C THR F 368 -6.41 -15.55 -24.15
N SER F 369 -6.85 -15.22 -25.37
CA SER F 369 -6.30 -14.05 -26.05
C SER F 369 -6.67 -12.77 -25.31
N PHE F 370 -7.94 -12.64 -24.91
CA PHE F 370 -8.36 -11.41 -24.24
C PHE F 370 -8.09 -11.43 -22.74
N GLN F 371 -7.62 -12.55 -22.18
CA GLN F 371 -7.33 -12.62 -20.76
C GLN F 371 -6.20 -11.67 -20.37
N GLY F 372 -5.20 -11.52 -21.24
CA GLY F 372 -4.12 -10.59 -20.92
C GLY F 372 -4.60 -9.17 -20.79
N LEU F 373 -5.45 -8.73 -21.72
CA LEU F 373 -6.02 -7.39 -21.64
C LEU F 373 -6.90 -7.25 -20.41
N MET F 374 -7.70 -8.28 -20.10
CA MET F 374 -8.56 -8.21 -18.93
C MET F 374 -7.74 -8.10 -17.65
N VAL F 375 -6.67 -8.88 -17.54
CA VAL F 375 -5.81 -8.84 -16.36
C VAL F 375 -5.15 -7.47 -16.24
N ALA F 376 -4.64 -6.93 -17.35
CA ALA F 376 -4.01 -5.62 -17.31
C ALA F 376 -5.01 -4.56 -16.86
N ILE F 377 -6.23 -4.61 -17.38
CA ILE F 377 -7.24 -3.61 -17.01
C ILE F 377 -7.58 -3.73 -15.53
N LEU F 378 -7.79 -4.96 -15.05
CA LEU F 378 -8.29 -5.14 -13.70
C LEU F 378 -7.21 -5.03 -12.63
N TYR F 379 -5.93 -5.10 -12.98
CA TYR F 379 -4.88 -5.02 -11.98
C TYR F 379 -3.84 -3.94 -12.25
N CYS F 380 -4.04 -3.10 -13.27
CA CYS F 380 -3.14 -1.96 -13.45
C CYS F 380 -3.83 -0.65 -13.80
N PHE F 381 -5.10 -0.65 -14.20
CA PHE F 381 -5.80 0.57 -14.56
C PHE F 381 -6.92 0.90 -13.59
N VAL F 382 -7.77 -0.07 -13.26
CA VAL F 382 -8.84 0.16 -12.29
C VAL F 382 -8.34 0.01 -10.86
N ASN F 383 -7.11 -0.44 -10.68
CA ASN F 383 -6.55 -0.58 -9.34
C ASN F 383 -6.52 0.75 -8.62
N ASN F 384 -6.92 0.75 -7.34
CA ASN F 384 -7.03 1.99 -6.60
C ASN F 384 -5.65 2.59 -6.31
N GLU F 385 -4.66 1.74 -6.05
CA GLU F 385 -3.32 2.24 -5.75
C GLU F 385 -2.72 2.96 -6.96
N VAL F 386 -2.90 2.39 -8.16
CA VAL F 386 -2.37 3.03 -9.37
C VAL F 386 -3.06 4.36 -9.62
N GLN F 387 -4.38 4.41 -9.43
CA GLN F 387 -5.10 5.67 -9.61
C GLN F 387 -4.65 6.71 -8.61
N LEU F 388 -4.42 6.31 -7.35
CA LEU F 388 -3.92 7.25 -6.35
C LEU F 388 -2.52 7.74 -6.70
N GLU F 389 -1.67 6.84 -7.20
CA GLU F 389 -0.34 7.25 -7.63
C GLU F 389 -0.40 8.27 -8.76
N PHE F 390 -1.28 8.03 -9.74
CA PHE F 390 -1.43 8.97 -10.84
C PHE F 390 -1.95 10.31 -10.35
N ARG F 391 -2.92 10.30 -9.42
CA ARG F 391 -3.44 11.54 -8.87
C ARG F 391 -2.35 12.31 -8.13
N LYS F 392 -1.54 11.61 -7.33
CA LYS F 392 -0.45 12.26 -6.61
C LYS F 392 0.58 12.84 -7.57
N SER F 393 0.92 12.09 -8.62
CA SER F 393 1.87 12.60 -9.60
C SER F 393 1.34 13.83 -10.30
N TRP F 394 0.05 13.83 -10.65
CA TRP F 394 -0.55 15.00 -11.28
C TRP F 394 -0.54 16.19 -10.33
N GLU F 395 -0.85 15.97 -9.05
CA GLU F 395 -0.81 17.06 -8.08
C GLU F 395 0.59 17.62 -7.92
N ARG F 396 1.59 16.74 -7.88
CA ARG F 396 2.98 17.20 -7.78
C ARG F 396 3.38 18.00 -9.01
N TRP F 397 2.95 17.57 -10.19
CA TRP F 397 3.27 18.32 -11.41
C TRP F 397 2.54 19.65 -11.45
N ARG F 398 1.34 19.73 -10.86
CA ARG F 398 0.52 20.93 -10.98
C ARG F 398 1.21 22.15 -10.38
N LEU F 399 1.82 21.99 -9.20
CA LEU F 399 2.51 23.11 -8.57
C LEU F 399 3.90 23.34 -9.14
N GLU F 400 4.40 22.43 -9.98
CA GLU F 400 5.69 22.58 -10.64
C GLU F 400 6.82 22.81 -9.63
#